data_7FTZ
#
_entry.id   7FTZ
#
_cell.length_a   219.007
_cell.length_b   46.955
_cell.length_c   88.973
_cell.angle_alpha   90.000
_cell.angle_beta   110.620
_cell.angle_gamma   90.000
#
_symmetry.space_group_name_H-M   'C 1 2 1'
#
loop_
_entity.id
_entity.type
_entity.pdbx_description
1 polymer 'Cyclic GMP-AMP synthase'
2 non-polymer 'ZINC ION'
3 non-polymer '(2-{3-[(5-bromo-2-hydroxybenzamido)methyl]anilino}-1,3-thiazol-4-yl)acetic acid'
4 water water
#
_entity_poly.entity_id   1
_entity_poly.type   'polypeptide(L)'
_entity_poly.pdbx_seq_one_letter_code
;GASKLRAVLEKLKLSRDDISTAAGMVKGVVDHLLLRLKCDSAFRGVGLLNTGSYYEHVKISAPNEFDVMFKLEVPRIQLE
EYSNTRAYYFVKFKRNPKENPLSQFLEGEILSASKMLSKFRKIIKEEINDIKDTDVIMKRKRGGSPAVTLLISEKISVDI
TLALESKSSWPASTQEGLRIQNWLSAKVRKQLRLKPFYLVPKHAKEGNGFQEETWRLSFSHIEKEILNNHGKSKTCCENK
EEKCCRKDCLKLMKYLLEQLKERFKDKKHLDKFSSYHVKTAFFHVCTQNPQDSQWDRKDLGLCFDNCVTYFLQCLRTEKL
ENYFIPEFNLFSSNLIDKRSKEFLTKQIEYERNNEFPVFDEF
;
_entity_poly.pdbx_strand_id   A,B
#
loop_
_chem_comp.id
_chem_comp.type
_chem_comp.name
_chem_comp.formula
YQQ non-polymer '(2-{3-[(5-bromo-2-hydroxybenzamido)methyl]anilino}-1,3-thiazol-4-yl)acetic acid' 'C19 H16 Br N3 O4 S'
ZN non-polymer 'ZINC ION' 'Zn 2'
#
# COMPACT_ATOMS: atom_id res chain seq x y z
N GLY A 1 -18.60 -27.10 22.19
CA GLY A 1 -18.02 -26.00 22.94
C GLY A 1 -18.01 -24.67 22.21
N ALA A 2 -17.87 -24.71 20.85
CA ALA A 2 -17.85 -23.56 19.94
C ALA A 2 -19.09 -22.66 20.06
N SER A 3 -20.24 -23.25 20.49
CA SER A 3 -21.45 -22.49 20.68
C SER A 3 -21.37 -21.65 21.96
N LYS A 4 -20.45 -22.01 22.90
CA LYS A 4 -20.20 -21.17 24.06
C LYS A 4 -19.29 -20.04 23.58
N LEU A 5 -18.26 -20.36 22.77
CA LEU A 5 -17.31 -19.39 22.19
C LEU A 5 -18.00 -18.30 21.36
N ARG A 6 -18.97 -18.68 20.54
CA ARG A 6 -19.70 -17.75 19.68
C ARG A 6 -20.71 -16.92 20.46
N ALA A 7 -21.10 -17.39 21.65
CA ALA A 7 -22.01 -16.68 22.54
C ALA A 7 -21.23 -15.52 23.18
N VAL A 8 -19.96 -15.79 23.62
CA VAL A 8 -19.00 -14.86 24.22
C VAL A 8 -18.68 -13.75 23.21
N LEU A 9 -18.56 -14.12 21.90
CA LEU A 9 -18.28 -13.19 20.81
C LEU A 9 -19.51 -12.33 20.49
N GLU A 10 -20.71 -12.91 20.65
CA GLU A 10 -21.98 -12.22 20.47
C GLU A 10 -22.17 -11.14 21.55
N LYS A 11 -21.83 -11.45 22.83
CA LYS A 11 -21.95 -10.48 23.91
C LYS A 11 -20.91 -9.37 23.80
N LEU A 12 -19.68 -9.69 23.33
CA LEU A 12 -18.61 -8.71 23.12
C LEU A 12 -18.92 -7.71 21.98
N LYS A 13 -19.80 -8.09 21.03
CA LYS A 13 -20.20 -7.25 19.90
C LYS A 13 -21.29 -6.23 20.30
N LEU A 14 -22.21 -6.64 21.20
CA LEU A 14 -23.32 -5.81 21.69
C LEU A 14 -22.92 -4.55 22.48
N SER A 15 -21.67 -4.49 22.98
CA SER A 15 -21.15 -3.33 23.71
C SER A 15 -20.25 -2.44 22.83
N ARG A 16 -19.75 -3.00 21.71
CA ARG A 16 -18.87 -2.35 20.74
C ARG A 16 -19.62 -1.27 19.90
N ASP A 17 -20.49 -1.72 18.97
CA ASP A 17 -21.24 -0.91 18.00
C ASP A 17 -22.41 -0.05 18.59
N ASP A 18 -22.71 -0.18 19.91
CA ASP A 18 -23.80 0.56 20.54
C ASP A 18 -23.60 2.09 20.55
N ILE A 19 -24.73 2.86 20.55
CA ILE A 19 -24.77 4.34 20.57
C ILE A 19 -24.10 4.89 21.85
N SER A 20 -22.94 5.58 21.67
CA SER A 20 -22.14 6.14 22.74
C SER A 20 -21.60 7.52 22.40
N THR A 21 -21.90 8.50 23.27
CA THR A 21 -21.47 9.90 23.15
C THR A 21 -20.01 10.08 23.60
N ALA A 22 -19.40 8.99 24.15
CA ALA A 22 -18.02 8.96 24.66
C ALA A 22 -16.98 9.11 23.56
N ALA A 23 -17.15 8.39 22.42
CA ALA A 23 -16.24 8.41 21.26
C ALA A 23 -16.06 9.80 20.63
N GLY A 24 -17.04 10.68 20.85
CA GLY A 24 -17.02 12.07 20.39
C GLY A 24 -16.47 13.02 21.44
N MET A 25 -16.68 12.69 22.73
CA MET A 25 -16.15 13.45 23.86
C MET A 25 -14.63 13.28 23.93
N VAL A 26 -14.14 12.08 23.57
CA VAL A 26 -12.72 11.72 23.53
C VAL A 26 -12.04 12.52 22.40
N LYS A 27 -12.63 12.48 21.16
CA LYS A 27 -12.16 13.22 19.97
C LYS A 27 -12.05 14.73 20.22
N GLY A 28 -13.05 15.30 20.90
CA GLY A 28 -13.08 16.73 21.25
C GLY A 28 -11.98 17.13 22.21
N VAL A 29 -11.66 16.24 23.17
CA VAL A 29 -10.63 16.50 24.16
C VAL A 29 -9.23 16.35 23.51
N VAL A 30 -9.04 15.31 22.68
CA VAL A 30 -7.82 15.02 21.91
C VAL A 30 -7.42 16.22 21.03
N ASP A 31 -8.39 16.70 20.20
CA ASP A 31 -8.23 17.85 19.28
C ASP A 31 -7.81 19.12 20.02
N HIS A 32 -8.33 19.32 21.25
CA HIS A 32 -7.99 20.46 22.11
C HIS A 32 -6.50 20.39 22.48
N LEU A 33 -6.05 19.22 22.98
CA LEU A 33 -4.67 18.93 23.39
C LEU A 33 -3.71 19.11 22.22
N LEU A 34 -4.04 18.51 21.06
CA LEU A 34 -3.27 18.54 19.82
C LEU A 34 -3.07 19.97 19.26
N LEU A 35 -4.06 20.88 19.45
CA LEU A 35 -3.98 22.26 18.97
C LEU A 35 -3.03 23.10 19.82
N ARG A 36 -3.11 22.93 21.16
CA ARG A 36 -2.26 23.64 22.12
C ARG A 36 -0.79 23.18 21.98
N LEU A 37 -0.56 21.86 21.82
CA LEU A 37 0.77 21.25 21.65
C LEU A 37 1.53 21.82 20.44
N LYS A 38 0.79 22.13 19.35
CA LYS A 38 1.32 22.67 18.08
C LYS A 38 1.83 24.11 18.22
N CYS A 39 1.46 24.80 19.31
CA CYS A 39 1.90 26.16 19.61
C CYS A 39 3.38 26.16 20.02
N ASP A 40 3.85 25.06 20.67
CA ASP A 40 5.23 24.87 21.12
C ASP A 40 6.14 24.42 19.97
N SER A 41 7.29 25.11 19.79
CA SER A 41 8.27 24.85 18.72
C SER A 41 8.82 23.41 18.73
N ALA A 42 8.92 22.80 19.92
CA ALA A 42 9.39 21.41 20.08
C ALA A 42 8.36 20.41 19.58
N PHE A 43 7.08 20.58 20.00
CA PHE A 43 5.96 19.72 19.63
C PHE A 43 5.15 20.29 18.46
N ARG A 44 5.81 21.08 17.58
CA ARG A 44 5.15 21.68 16.42
C ARG A 44 4.61 20.66 15.39
N GLY A 45 5.37 19.60 15.12
CA GLY A 45 4.98 18.57 14.16
C GLY A 45 4.32 17.33 14.75
N VAL A 46 3.38 17.55 15.68
CA VAL A 46 2.68 16.49 16.41
C VAL A 46 1.30 16.20 15.76
N GLY A 47 0.77 14.99 16.00
CA GLY A 47 -0.51 14.53 15.48
C GLY A 47 -0.75 13.07 15.77
N LEU A 48 -1.99 12.58 15.61
CA LEU A 48 -2.36 11.17 15.85
C LEU A 48 -1.75 10.18 14.87
N LEU A 49 -1.29 9.01 15.37
CA LEU A 49 -0.68 7.92 14.58
C LEU A 49 -1.58 7.44 13.42
N ASN A 50 -2.88 7.22 13.71
CA ASN A 50 -3.90 6.79 12.74
C ASN A 50 -5.08 7.80 12.84
N THR A 51 -5.00 8.93 12.06
CA THR A 51 -6.01 10.00 12.06
C THR A 51 -7.34 9.53 11.41
N GLY A 52 -8.44 9.84 12.10
CA GLY A 52 -9.78 9.41 11.75
C GLY A 52 -10.22 8.35 12.74
N SER A 53 -9.21 7.70 13.39
CA SER A 53 -9.38 6.65 14.40
C SER A 53 -8.67 6.99 15.72
N TYR A 54 -9.46 7.57 16.65
CA TYR A 54 -9.11 7.93 18.03
C TYR A 54 -9.52 6.69 18.85
N TYR A 55 -10.72 6.16 18.53
CA TYR A 55 -11.34 4.97 19.11
C TYR A 55 -10.50 3.69 18.89
N GLU A 56 -9.50 3.49 19.78
CA GLU A 56 -8.62 2.33 19.84
C GLU A 56 -8.55 1.81 21.28
N HIS A 57 -8.71 0.48 21.49
CA HIS A 57 -8.73 -0.15 22.82
C HIS A 57 -7.75 -1.30 22.97
N VAL A 58 -6.99 -1.29 24.06
CA VAL A 58 -6.09 -2.39 24.43
C VAL A 58 -7.01 -3.45 25.09
N LYS A 59 -7.97 -2.97 25.93
CA LYS A 59 -8.96 -3.74 26.68
C LYS A 59 -10.26 -3.98 25.89
N ILE A 60 -10.59 -5.28 25.64
CA ILE A 60 -11.77 -5.74 24.93
C ILE A 60 -12.98 -5.92 25.89
N SER A 61 -12.72 -5.99 27.21
CA SER A 61 -13.74 -6.11 28.26
C SER A 61 -14.07 -4.74 28.89
N ALA A 62 -13.28 -3.70 28.54
CA ALA A 62 -13.49 -2.34 29.05
C ALA A 62 -13.66 -1.33 27.90
N PRO A 63 -14.91 -1.20 27.35
CA PRO A 63 -15.15 -0.26 26.24
C PRO A 63 -14.90 1.23 26.54
N ASN A 64 -15.12 1.65 27.80
CA ASN A 64 -14.91 3.03 28.28
C ASN A 64 -13.42 3.42 28.31
N GLU A 65 -12.51 2.46 28.12
CA GLU A 65 -11.06 2.69 28.14
C GLU A 65 -10.45 2.80 26.72
N PHE A 66 -10.03 4.02 26.36
CA PHE A 66 -9.42 4.37 25.07
C PHE A 66 -7.89 4.51 25.17
N ASP A 67 -7.18 4.35 24.04
CA ASP A 67 -5.72 4.41 23.94
C ASP A 67 -5.26 5.06 22.61
N VAL A 68 -4.67 6.29 22.71
CA VAL A 68 -4.18 7.06 21.54
C VAL A 68 -2.68 7.32 21.62
N MET A 69 -2.06 7.55 20.45
CA MET A 69 -0.65 7.83 20.32
C MET A 69 -0.46 9.14 19.57
N PHE A 70 0.39 10.01 20.10
CA PHE A 70 0.70 11.31 19.50
C PHE A 70 2.12 11.22 18.90
N LYS A 71 2.20 11.11 17.56
CA LYS A 71 3.47 11.01 16.86
C LYS A 71 4.13 12.36 16.55
N LEU A 72 5.47 12.41 16.61
CA LEU A 72 6.26 13.58 16.27
C LEU A 72 7.50 13.12 15.48
N GLU A 73 7.69 13.67 14.25
CA GLU A 73 8.80 13.36 13.34
C GLU A 73 10.13 13.90 13.82
N VAL A 74 11.12 13.00 13.95
CA VAL A 74 12.46 13.37 14.41
C VAL A 74 13.46 13.17 13.26
N PRO A 75 13.69 14.20 12.40
CA PRO A 75 14.66 14.02 11.31
C PRO A 75 16.10 14.12 11.82
N ARG A 76 17.08 13.65 11.01
CA ARG A 76 18.52 13.67 11.33
C ARG A 76 18.84 12.77 12.55
N ILE A 77 17.97 11.76 12.81
CA ILE A 77 18.05 10.82 13.93
C ILE A 77 19.21 9.78 13.75
N GLN A 78 19.85 9.41 14.89
CA GLN A 78 20.95 8.45 14.99
C GLN A 78 20.79 7.66 16.29
N LEU A 79 20.58 6.33 16.19
CA LEU A 79 20.39 5.46 17.35
C LEU A 79 21.67 4.76 17.86
N GLU A 80 21.69 4.45 19.17
CA GLU A 80 22.78 3.70 19.82
C GLU A 80 22.16 2.63 20.74
N GLU A 81 22.36 1.34 20.38
CA GLU A 81 21.83 0.17 21.08
C GLU A 81 22.28 0.03 22.52
N TYR A 82 21.34 0.25 23.47
CA TYR A 82 21.57 0.12 24.90
C TYR A 82 21.88 -1.35 25.29
N SER A 83 22.97 -1.55 26.08
CA SER A 83 23.51 -2.77 26.70
C SER A 83 23.17 -4.12 26.03
N ASN A 84 23.25 -4.17 24.68
CA ASN A 84 22.95 -5.35 23.86
C ASN A 84 21.52 -5.91 24.12
N THR A 85 20.56 -5.01 24.44
CA THR A 85 19.16 -5.34 24.75
C THR A 85 18.34 -5.65 23.48
N ARG A 86 18.80 -5.14 22.33
CA ARG A 86 18.23 -5.28 20.99
C ARG A 86 17.00 -4.37 20.75
N ALA A 87 16.26 -4.02 21.83
CA ALA A 87 15.04 -3.23 21.76
C ALA A 87 15.15 -1.82 22.30
N TYR A 88 16.07 -1.59 23.22
CA TYR A 88 16.23 -0.29 23.87
C TYR A 88 17.41 0.46 23.31
N TYR A 89 17.21 1.74 23.00
CA TYR A 89 18.19 2.61 22.37
C TYR A 89 18.25 4.01 22.99
N PHE A 90 19.35 4.78 22.72
CA PHE A 90 19.49 6.18 23.12
C PHE A 90 19.27 7.00 21.87
N VAL A 91 18.77 8.25 22.01
CA VAL A 91 18.49 9.05 20.81
C VAL A 91 19.49 10.20 20.64
N LYS A 92 20.25 10.13 19.54
CA LYS A 92 21.26 11.14 19.17
C LYS A 92 20.90 11.79 17.82
N PHE A 93 21.42 13.00 17.58
CA PHE A 93 21.12 13.78 16.39
C PHE A 93 22.33 13.90 15.44
N LYS A 94 22.28 14.85 14.47
CA LYS A 94 23.33 15.12 13.47
C LYS A 94 23.47 16.63 13.23
N GLU A 99 21.48 23.00 16.87
CA GLU A 99 20.21 23.72 16.79
C GLU A 99 19.20 22.84 16.09
N ASN A 100 18.16 22.46 16.85
CA ASN A 100 17.07 21.55 16.49
C ASN A 100 15.86 21.93 17.41
N PRO A 101 14.58 21.71 17.03
CA PRO A 101 13.46 22.13 17.93
C PRO A 101 13.49 21.53 19.35
N LEU A 102 14.05 20.32 19.48
CA LEU A 102 14.17 19.60 20.75
C LEU A 102 15.53 19.80 21.41
N SER A 103 16.33 20.79 20.94
CA SER A 103 17.65 21.12 21.51
C SER A 103 17.52 21.46 23.01
N GLN A 104 16.31 21.88 23.44
CA GLN A 104 15.92 22.21 24.80
C GLN A 104 15.83 20.97 25.70
N PHE A 105 15.85 19.75 25.09
CA PHE A 105 15.74 18.45 25.76
C PHE A 105 17.01 17.58 25.76
N LEU A 106 18.14 18.08 25.22
CA LEU A 106 19.40 17.34 25.17
C LEU A 106 20.21 17.35 26.48
N GLU A 107 20.85 16.20 26.79
CA GLU A 107 21.73 15.99 27.96
C GLU A 107 22.94 15.21 27.42
N GLY A 108 24.03 15.93 27.19
CA GLY A 108 25.25 15.40 26.57
C GLY A 108 24.99 15.25 25.09
N GLU A 109 25.07 14.02 24.58
CA GLU A 109 24.75 13.75 23.17
C GLU A 109 23.37 13.07 23.08
N ILE A 110 22.81 12.70 24.25
CA ILE A 110 21.57 11.94 24.41
C ILE A 110 20.34 12.81 24.79
N LEU A 111 19.23 12.58 24.06
CA LEU A 111 17.93 13.24 24.20
C LEU A 111 17.20 12.75 25.44
N SER A 112 16.97 13.67 26.41
CA SER A 112 16.29 13.37 27.67
C SER A 112 14.81 13.01 27.45
N ALA A 113 14.46 11.73 27.69
CA ALA A 113 13.09 11.23 27.60
C ALA A 113 12.26 11.79 28.76
N SER A 114 12.89 12.01 29.92
CA SER A 114 12.25 12.55 31.12
C SER A 114 11.85 14.03 30.91
N LYS A 115 12.81 14.88 30.51
CA LYS A 115 12.57 16.31 30.30
C LYS A 115 11.59 16.60 29.15
N MET A 116 11.51 15.68 28.15
CA MET A 116 10.59 15.75 27.01
C MET A 116 9.18 15.40 27.51
N LEU A 117 9.04 14.31 28.31
CA LEU A 117 7.79 13.88 28.94
C LEU A 117 7.30 14.97 29.90
N SER A 118 8.25 15.66 30.58
CA SER A 118 8.02 16.75 31.52
C SER A 118 7.28 17.91 30.87
N LYS A 119 7.81 18.47 29.77
CA LYS A 119 7.16 19.58 29.05
C LYS A 119 5.80 19.12 28.51
N PHE A 120 5.74 17.84 28.04
CA PHE A 120 4.57 17.18 27.46
C PHE A 120 3.43 17.09 28.47
N ARG A 121 3.71 16.61 29.70
CA ARG A 121 2.70 16.49 30.76
C ARG A 121 2.22 17.86 31.19
N LYS A 122 3.19 18.79 31.40
CA LYS A 122 3.01 20.19 31.81
C LYS A 122 1.96 20.90 30.98
N ILE A 123 2.11 20.85 29.64
CA ILE A 123 1.21 21.49 28.68
C ILE A 123 -0.19 20.92 28.80
N ILE A 124 -0.32 19.58 28.77
CA ILE A 124 -1.57 18.83 28.88
C ILE A 124 -2.34 19.21 30.18
N LYS A 125 -1.70 19.14 31.35
CA LYS A 125 -2.28 19.47 32.66
C LYS A 125 -2.83 20.90 32.73
N GLU A 126 -2.30 21.82 31.88
CA GLU A 126 -2.71 23.23 31.71
C GLU A 126 -3.90 23.34 30.75
N GLU A 127 -3.93 22.49 29.71
CA GLU A 127 -4.99 22.43 28.71
C GLU A 127 -6.28 21.83 29.30
N ILE A 128 -6.15 21.00 30.34
CA ILE A 128 -7.27 20.37 31.05
C ILE A 128 -8.03 21.44 31.89
N ASN A 129 -7.29 22.35 32.55
CA ASN A 129 -7.85 23.44 33.36
C ASN A 129 -8.65 24.45 32.50
N ASP A 130 -8.32 24.54 31.19
CA ASP A 130 -8.96 25.41 30.19
C ASP A 130 -10.23 24.74 29.56
N ILE A 131 -10.74 23.66 30.24
CA ILE A 131 -11.94 22.91 29.88
C ILE A 131 -12.92 22.95 31.08
N LYS A 132 -13.78 23.98 31.12
CA LYS A 132 -14.79 24.15 32.17
C LYS A 132 -16.13 23.53 31.73
N ASP A 133 -16.12 22.88 30.53
CA ASP A 133 -17.23 22.15 29.90
C ASP A 133 -17.37 20.82 30.66
N THR A 134 -16.43 19.89 30.41
CA THR A 134 -16.35 18.57 31.05
C THR A 134 -15.25 18.55 32.13
N ASP A 135 -15.41 17.67 33.14
CA ASP A 135 -14.45 17.51 34.23
C ASP A 135 -13.37 16.47 33.86
N VAL A 136 -12.27 16.97 33.27
CA VAL A 136 -11.13 16.14 32.90
C VAL A 136 -10.12 16.25 34.03
N ILE A 137 -9.55 15.12 34.44
CA ILE A 137 -8.56 15.03 35.52
C ILE A 137 -7.33 14.31 34.97
N MET A 138 -6.12 14.77 35.36
CA MET A 138 -4.89 14.13 34.90
C MET A 138 -4.32 13.21 35.98
N LYS A 139 -4.28 11.90 35.70
CA LYS A 139 -3.71 10.88 36.57
C LYS A 139 -2.24 10.79 36.22
N ARG A 140 -1.35 10.89 37.23
CA ARG A 140 0.09 10.79 36.99
C ARG A 140 0.68 9.51 37.56
N LYS A 141 1.36 8.71 36.69
CA LYS A 141 1.96 7.43 37.05
C LYS A 141 3.31 7.16 36.36
N ARG A 142 4.16 6.33 37.01
CA ARG A 142 5.50 5.92 36.57
C ARG A 142 5.44 4.70 35.65
N GLY A 143 6.22 4.75 34.58
CA GLY A 143 6.31 3.67 33.59
C GLY A 143 6.79 4.09 32.22
N GLY A 144 7.01 5.38 32.02
CA GLY A 144 7.44 5.95 30.74
C GLY A 144 6.30 6.15 29.77
N SER A 145 5.73 5.04 29.28
CA SER A 145 4.60 4.99 28.35
C SER A 145 3.58 3.90 28.73
N PRO A 146 2.24 4.18 28.83
CA PRO A 146 1.53 5.45 28.56
C PRO A 146 1.93 6.64 29.45
N ALA A 147 2.36 7.72 28.77
CA ALA A 147 2.83 9.00 29.30
C ALA A 147 1.86 9.63 30.30
N VAL A 148 0.58 9.73 29.92
CA VAL A 148 -0.45 10.31 30.76
C VAL A 148 -1.83 9.67 30.49
N THR A 149 -2.70 9.66 31.51
CA THR A 149 -4.05 9.13 31.45
C THR A 149 -5.04 10.22 31.87
N LEU A 150 -6.10 10.40 31.08
CA LEU A 150 -7.14 11.38 31.36
C LEU A 150 -8.43 10.70 31.71
N LEU A 151 -9.22 11.30 32.62
CA LEU A 151 -10.52 10.77 33.00
C LEU A 151 -11.60 11.80 32.65
N ILE A 152 -12.38 11.52 31.59
CA ILE A 152 -13.45 12.40 31.08
C ILE A 152 -14.76 12.04 31.77
N SER A 153 -15.46 13.06 32.32
CA SER A 153 -16.71 12.99 33.07
C SER A 153 -16.57 12.11 34.33
N GLU A 154 -16.60 10.79 34.13
CA GLU A 154 -16.47 9.74 35.13
C GLU A 154 -16.50 8.41 34.40
N LYS A 155 -15.60 7.50 34.79
CA LYS A 155 -15.44 6.15 34.25
C LYS A 155 -15.25 6.09 32.71
N ILE A 156 -14.69 7.17 32.09
CA ILE A 156 -14.31 7.22 30.67
C ILE A 156 -12.83 7.69 30.68
N SER A 157 -11.90 6.80 30.31
CA SER A 157 -10.44 7.02 30.39
C SER A 157 -9.68 6.97 29.03
N VAL A 158 -8.71 7.90 28.84
CA VAL A 158 -7.87 7.97 27.63
C VAL A 158 -6.40 7.93 27.99
N ASP A 159 -5.66 6.96 27.43
CA ASP A 159 -4.22 6.81 27.63
C ASP A 159 -3.52 7.42 26.42
N ILE A 160 -2.71 8.47 26.65
CA ILE A 160 -1.95 9.18 25.62
C ILE A 160 -0.48 8.83 25.74
N THR A 161 0.13 8.34 24.63
CA THR A 161 1.55 7.96 24.48
C THR A 161 2.28 8.91 23.50
N LEU A 162 3.50 9.40 23.86
CA LEU A 162 4.27 10.22 22.93
C LEU A 162 5.29 9.34 22.18
N ALA A 163 5.26 9.37 20.82
CA ALA A 163 6.14 8.55 19.97
C ALA A 163 6.92 9.34 18.93
N LEU A 164 8.25 9.07 18.85
CA LEU A 164 9.13 9.69 17.86
C LEU A 164 9.06 8.87 16.58
N GLU A 165 8.91 9.56 15.46
CA GLU A 165 8.77 8.94 14.14
C GLU A 165 10.08 9.08 13.37
N SER A 166 10.51 7.99 12.73
CA SER A 166 11.71 8.03 11.91
C SER A 166 11.41 7.41 10.58
N LYS A 167 11.40 8.25 9.55
CA LYS A 167 11.18 7.89 8.15
C LYS A 167 12.54 7.47 7.61
N SER A 168 13.06 6.32 8.09
CA SER A 168 14.35 5.73 7.70
C SER A 168 14.32 4.21 7.95
N SER A 169 15.31 3.47 7.37
CA SER A 169 15.38 2.00 7.46
C SER A 169 15.42 1.48 8.90
N TRP A 170 14.49 0.59 9.26
CA TRP A 170 14.34 -0.03 10.58
C TRP A 170 15.69 -0.56 11.15
N PRO A 171 15.94 -0.50 12.49
CA PRO A 171 17.22 -0.99 13.05
C PRO A 171 17.60 -2.44 12.70
N ALA A 172 18.93 -2.73 12.72
CA ALA A 172 19.56 -4.03 12.42
C ALA A 172 19.03 -5.20 13.25
N SER A 173 18.33 -4.91 14.37
CA SER A 173 17.72 -5.89 15.27
C SER A 173 16.49 -6.56 14.64
N THR A 174 15.83 -5.83 13.70
CA THR A 174 14.61 -6.23 13.01
C THR A 174 14.86 -7.01 11.70
N GLN A 175 16.14 -7.17 11.30
CA GLN A 175 16.55 -7.83 10.06
C GLN A 175 15.88 -9.18 9.79
N GLU A 176 15.80 -10.05 10.81
CA GLU A 176 15.18 -11.38 10.66
C GLU A 176 13.78 -11.46 11.27
N GLY A 177 13.22 -10.32 11.68
CA GLY A 177 11.89 -10.23 12.28
C GLY A 177 10.75 -10.12 11.28
N LEU A 178 9.51 -10.14 11.77
CA LEU A 178 8.30 -10.02 10.95
C LEU A 178 8.32 -11.08 9.80
N ARG A 179 8.48 -12.37 10.18
CA ARG A 179 8.53 -13.49 9.23
C ARG A 179 7.14 -13.84 8.67
N ILE A 180 6.57 -12.89 7.91
CA ILE A 180 5.26 -12.98 7.28
C ILE A 180 5.31 -13.53 5.84
N GLN A 181 6.53 -13.75 5.27
CA GLN A 181 6.80 -14.19 3.88
C GLN A 181 5.96 -15.37 3.39
N ASN A 182 5.81 -16.43 4.19
CA ASN A 182 5.05 -17.60 3.71
C ASN A 182 3.55 -17.47 3.97
N TRP A 183 3.12 -16.37 4.61
CA TRP A 183 1.73 -16.09 4.94
C TRP A 183 1.17 -14.86 4.19
N LEU A 184 1.63 -13.64 4.51
CA LEU A 184 1.16 -12.39 3.91
C LEU A 184 1.91 -12.01 2.63
N SER A 185 3.11 -12.62 2.40
CA SER A 185 4.03 -12.51 1.26
C SER A 185 5.30 -11.70 1.49
N ALA A 186 6.29 -11.90 0.58
CA ALA A 186 7.57 -11.19 0.55
C ALA A 186 7.37 -9.73 0.09
N LYS A 187 6.49 -9.49 -0.92
CA LYS A 187 6.11 -8.16 -1.44
C LYS A 187 5.61 -7.27 -0.29
N VAL A 188 4.74 -7.83 0.59
CA VAL A 188 4.14 -7.15 1.75
C VAL A 188 5.19 -6.89 2.82
N ARG A 189 6.11 -7.86 3.06
CA ARG A 189 7.19 -7.68 4.04
C ARG A 189 8.09 -6.51 3.65
N LYS A 190 8.40 -6.38 2.32
CA LYS A 190 9.20 -5.32 1.69
C LYS A 190 8.53 -3.96 1.88
N GLN A 191 7.21 -3.89 1.63
CA GLN A 191 6.39 -2.68 1.74
C GLN A 191 6.32 -2.16 3.17
N LEU A 192 5.90 -3.01 4.13
CA LEU A 192 5.77 -2.66 5.55
C LEU A 192 7.05 -2.12 6.15
N ARG A 193 8.19 -2.73 5.80
CA ARG A 193 9.51 -2.34 6.29
C ARG A 193 10.01 -1.03 5.69
N LEU A 194 9.34 -0.53 4.60
CA LEU A 194 9.59 0.75 3.92
C LEU A 194 8.79 1.86 4.63
N LYS A 195 7.95 1.52 5.62
CA LYS A 195 7.16 2.48 6.40
C LYS A 195 8.02 2.98 7.57
N PRO A 196 7.68 4.09 8.29
CA PRO A 196 8.54 4.53 9.40
C PRO A 196 8.47 3.64 10.63
N PHE A 197 9.39 3.84 11.58
CA PHE A 197 9.39 3.12 12.86
C PHE A 197 9.15 4.14 13.96
N TYR A 198 8.53 3.72 15.08
CA TYR A 198 8.21 4.64 16.17
C TYR A 198 8.97 4.26 17.44
N LEU A 199 9.37 5.26 18.26
CA LEU A 199 10.11 5.07 19.52
C LEU A 199 9.35 5.73 20.68
N VAL A 200 9.04 4.95 21.71
CA VAL A 200 8.33 5.46 22.90
C VAL A 200 9.28 5.51 24.14
N PRO A 201 9.14 6.49 25.08
CA PRO A 201 9.99 6.48 26.28
C PRO A 201 9.73 5.21 27.11
N LYS A 202 10.78 4.41 27.37
CA LYS A 202 10.64 3.18 28.15
C LYS A 202 11.90 2.88 28.92
N HIS A 203 11.76 2.74 30.24
CA HIS A 203 12.91 2.47 31.10
C HIS A 203 13.35 1.01 31.11
N ALA A 204 14.65 0.78 30.85
CA ALA A 204 15.26 -0.54 30.92
C ALA A 204 16.11 -0.60 32.23
N LYS A 205 15.81 -1.60 33.10
CA LYS A 205 16.46 -1.77 34.40
C LYS A 205 17.88 -2.36 34.32
N GLN A 211 18.82 7.15 36.58
CA GLN A 211 18.49 6.04 35.68
C GLN A 211 18.65 6.40 34.18
N GLU A 212 18.67 5.37 33.30
CA GLU A 212 18.92 5.52 31.85
C GLU A 212 17.70 6.07 31.07
N GLU A 213 17.94 7.09 30.21
CA GLU A 213 16.92 7.78 29.40
C GLU A 213 16.70 7.05 28.04
N THR A 214 16.29 5.77 28.10
CA THR A 214 16.10 4.92 26.92
C THR A 214 14.72 5.10 26.24
N TRP A 215 14.70 4.73 24.93
CA TRP A 215 13.59 4.74 23.97
C TRP A 215 13.46 3.31 23.43
N ARG A 216 12.23 2.78 23.36
CA ARG A 216 11.96 1.42 22.86
C ARG A 216 11.26 1.45 21.49
N LEU A 217 11.50 0.42 20.63
CA LEU A 217 10.84 0.33 19.32
C LEU A 217 9.32 0.06 19.47
N SER A 218 8.51 0.74 18.65
CA SER A 218 7.04 0.65 18.64
C SER A 218 6.53 0.25 17.24
N PHE A 219 5.79 -0.88 17.17
CA PHE A 219 5.26 -1.42 15.90
C PHE A 219 3.72 -1.52 15.85
N SER A 220 3.04 -0.61 16.60
CA SER A 220 1.59 -0.50 16.70
C SER A 220 0.92 -0.31 15.32
N HIS A 221 1.54 0.47 14.43
CA HIS A 221 1.01 0.74 13.10
C HIS A 221 1.04 -0.49 12.20
N ILE A 222 2.07 -1.33 12.35
CA ILE A 222 2.24 -2.57 11.61
C ILE A 222 1.26 -3.66 12.07
N GLU A 223 1.01 -3.72 13.39
CA GLU A 223 0.08 -4.64 14.05
C GLU A 223 -1.32 -4.48 13.46
N LYS A 224 -1.83 -3.22 13.41
CA LYS A 224 -3.14 -2.82 12.85
C LYS A 224 -3.21 -3.16 11.36
N GLU A 225 -2.08 -2.95 10.63
CA GLU A 225 -1.93 -3.23 9.20
C GLU A 225 -2.12 -4.70 8.93
N ILE A 226 -1.43 -5.58 9.70
CA ILE A 226 -1.52 -7.04 9.60
C ILE A 226 -2.92 -7.54 9.96
N LEU A 227 -3.53 -7.00 11.03
CA LEU A 227 -4.85 -7.40 11.51
C LEU A 227 -6.01 -7.07 10.59
N ASN A 228 -5.89 -5.96 9.85
CA ASN A 228 -6.92 -5.49 8.92
C ASN A 228 -6.76 -6.07 7.51
N ASN A 229 -5.68 -6.83 7.24
CA ASN A 229 -5.41 -7.52 5.98
C ASN A 229 -4.61 -8.79 6.36
N HIS A 230 -5.32 -9.74 6.99
CA HIS A 230 -4.83 -10.94 7.68
C HIS A 230 -4.76 -12.28 6.90
N GLY A 231 -5.41 -12.38 5.74
CA GLY A 231 -5.41 -13.63 4.96
C GLY A 231 -4.32 -13.80 3.92
N LYS A 232 -4.14 -15.03 3.40
CA LYS A 232 -3.19 -15.29 2.31
C LYS A 232 -3.87 -14.79 1.03
N SER A 233 -5.21 -14.95 0.98
CA SER A 233 -6.10 -14.48 -0.06
C SER A 233 -6.36 -13.00 0.18
N LYS A 234 -6.36 -12.22 -0.89
CA LYS A 234 -6.67 -10.79 -0.83
C LYS A 234 -8.17 -10.57 -0.45
N THR A 235 -9.07 -11.54 -0.80
CA THR A 235 -10.52 -11.54 -0.56
C THR A 235 -10.94 -12.35 0.70
N CYS A 236 -10.00 -12.67 1.59
CA CYS A 236 -10.29 -13.36 2.85
C CYS A 236 -11.27 -12.47 3.65
N CYS A 237 -12.42 -13.07 4.08
CA CYS A 237 -13.53 -12.47 4.85
C CYS A 237 -14.34 -11.41 4.07
N GLU A 238 -14.14 -11.36 2.74
CA GLU A 238 -14.88 -10.46 1.84
C GLU A 238 -16.07 -11.20 1.20
N ASN A 239 -16.21 -12.54 1.47
CA ASN A 239 -17.28 -13.42 0.98
C ASN A 239 -17.51 -14.70 1.86
N LYS A 240 -18.63 -15.43 1.62
CA LYS A 240 -19.13 -16.63 2.32
C LYS A 240 -18.24 -17.87 2.20
N GLU A 241 -17.63 -18.04 1.01
CA GLU A 241 -16.72 -19.14 0.69
C GLU A 241 -15.38 -18.94 1.41
N GLU A 242 -15.02 -17.66 1.69
CA GLU A 242 -13.79 -17.30 2.38
C GLU A 242 -14.08 -16.63 3.72
N LYS A 243 -14.56 -17.38 4.73
CA LYS A 243 -14.79 -16.83 6.07
C LYS A 243 -13.83 -17.51 7.03
N CYS A 244 -12.90 -16.74 7.65
CA CYS A 244 -11.93 -17.30 8.60
C CYS A 244 -12.24 -16.93 10.08
N CYS A 245 -11.41 -17.43 11.02
CA CYS A 245 -11.62 -17.13 12.43
C CYS A 245 -10.36 -16.57 13.07
N ARG A 246 -9.43 -16.03 12.27
CA ARG A 246 -8.22 -15.43 12.80
C ARG A 246 -8.54 -14.36 13.86
N LYS A 247 -9.31 -13.29 13.50
CA LYS A 247 -9.64 -12.16 14.38
C LYS A 247 -10.40 -12.55 15.68
N ASP A 248 -11.39 -13.45 15.59
CA ASP A 248 -12.18 -14.00 16.70
C ASP A 248 -11.30 -14.77 17.68
N CYS A 249 -10.24 -15.47 17.16
CA CYS A 249 -9.26 -16.23 17.94
C CYS A 249 -8.43 -15.28 18.76
N LEU A 250 -8.02 -14.14 18.15
CA LEU A 250 -7.26 -13.10 18.84
C LEU A 250 -8.10 -12.44 19.94
N LYS A 251 -9.36 -12.07 19.62
CA LYS A 251 -10.37 -11.45 20.48
C LYS A 251 -10.55 -12.26 21.76
N LEU A 252 -10.74 -13.61 21.60
CA LEU A 252 -10.97 -14.54 22.70
C LEU A 252 -9.76 -14.70 23.63
N MET A 253 -8.54 -14.78 23.07
CA MET A 253 -7.29 -14.86 23.84
C MET A 253 -7.07 -13.58 24.66
N LYS A 254 -7.42 -12.42 24.07
CA LYS A 254 -7.34 -11.12 24.72
C LYS A 254 -8.34 -11.07 25.86
N TYR A 255 -9.56 -11.55 25.61
CA TYR A 255 -10.64 -11.56 26.59
C TYR A 255 -10.35 -12.51 27.79
N LEU A 256 -9.83 -13.71 27.53
CA LEU A 256 -9.41 -14.68 28.56
C LEU A 256 -8.36 -14.06 29.52
N LEU A 257 -7.26 -13.47 28.97
CA LEU A 257 -6.23 -12.85 29.81
C LEU A 257 -6.74 -11.63 30.57
N GLU A 258 -7.63 -10.82 29.97
CA GLU A 258 -8.22 -9.65 30.65
C GLU A 258 -9.11 -10.09 31.83
N GLN A 259 -9.90 -11.18 31.65
CA GLN A 259 -10.79 -11.73 32.67
C GLN A 259 -10.03 -12.36 33.86
N LEU A 260 -8.95 -13.15 33.57
CA LEU A 260 -8.10 -13.77 34.59
C LEU A 260 -7.34 -12.70 35.37
N LYS A 261 -6.91 -11.61 34.68
CA LYS A 261 -6.22 -10.46 35.30
C LYS A 261 -7.11 -9.71 36.30
N GLU A 262 -8.42 -9.56 35.98
CA GLU A 262 -9.41 -8.93 36.84
C GLU A 262 -9.70 -9.85 38.04
N ARG A 263 -9.81 -11.18 37.78
CA ARG A 263 -10.09 -12.20 38.79
C ARG A 263 -9.05 -12.18 39.91
N PHE A 264 -7.77 -12.09 39.53
CA PHE A 264 -6.61 -12.09 40.43
C PHE A 264 -5.88 -10.72 40.48
N LYS A 265 -6.65 -9.60 40.51
CA LYS A 265 -6.11 -8.24 40.62
C LYS A 265 -5.47 -8.02 42.00
N ASP A 266 -5.99 -8.73 43.02
CA ASP A 266 -5.60 -8.74 44.43
C ASP A 266 -4.19 -9.31 44.60
N LYS A 267 -3.88 -10.44 43.93
CA LYS A 267 -2.54 -11.04 43.90
C LYS A 267 -1.66 -10.17 42.94
N LYS A 268 -0.40 -10.56 42.70
CA LYS A 268 0.46 -9.76 41.81
C LYS A 268 1.05 -10.58 40.64
N HIS A 269 0.73 -11.89 40.59
CA HIS A 269 1.22 -12.87 39.61
C HIS A 269 0.98 -12.54 38.13
N LEU A 270 -0.11 -11.83 37.80
CA LEU A 270 -0.47 -11.57 36.39
C LEU A 270 -0.28 -10.13 35.93
N ASP A 271 0.20 -9.24 36.80
CA ASP A 271 0.46 -7.82 36.50
C ASP A 271 1.43 -7.65 35.33
N LYS A 272 2.41 -8.59 35.22
CA LYS A 272 3.48 -8.60 34.22
C LYS A 272 3.02 -9.03 32.84
N PHE A 273 1.81 -9.55 32.71
CA PHE A 273 1.29 -10.02 31.42
C PHE A 273 0.36 -8.99 30.84
N SER A 274 0.40 -8.82 29.51
CA SER A 274 -0.45 -7.86 28.80
C SER A 274 -0.90 -8.42 27.46
N SER A 275 -1.80 -7.68 26.75
CA SER A 275 -2.33 -8.03 25.43
C SER A 275 -1.24 -8.21 24.38
N TYR A 276 -0.07 -7.62 24.64
CA TYR A 276 1.09 -7.67 23.75
C TYR A 276 1.72 -9.04 23.73
N HIS A 277 1.73 -9.74 24.87
CA HIS A 277 2.22 -11.12 24.95
C HIS A 277 1.29 -11.99 24.14
N VAL A 278 -0.03 -11.79 24.30
CA VAL A 278 -1.10 -12.46 23.57
C VAL A 278 -1.00 -12.23 22.01
N LYS A 279 -0.86 -10.97 21.56
CA LYS A 279 -0.76 -10.64 20.13
C LYS A 279 0.52 -11.18 19.48
N THR A 280 1.67 -11.13 20.20
CA THR A 280 2.96 -11.66 19.76
C THR A 280 2.82 -13.17 19.53
N ALA A 281 2.22 -13.89 20.50
CA ALA A 281 1.98 -15.34 20.44
C ALA A 281 1.07 -15.70 19.28
N PHE A 282 -0.05 -14.96 19.08
CA PHE A 282 -1.02 -15.16 17.99
C PHE A 282 -0.38 -15.05 16.59
N PHE A 283 0.51 -14.04 16.39
CA PHE A 283 1.21 -13.83 15.12
C PHE A 283 2.17 -14.98 14.82
N HIS A 284 2.76 -15.63 15.87
CA HIS A 284 3.63 -16.80 15.66
C HIS A 284 2.81 -17.97 15.16
N VAL A 285 1.55 -18.10 15.64
CA VAL A 285 0.59 -19.13 15.25
C VAL A 285 0.18 -18.91 13.78
N CYS A 286 -0.12 -17.65 13.41
CA CYS A 286 -0.49 -17.26 12.05
C CYS A 286 0.59 -17.62 11.04
N THR A 287 1.86 -17.44 11.44
CA THR A 287 3.06 -17.77 10.65
C THR A 287 3.16 -19.29 10.44
N GLN A 288 3.00 -20.08 11.53
CA GLN A 288 3.05 -21.54 11.57
C GLN A 288 1.94 -22.17 10.75
N ASN A 289 0.77 -21.50 10.66
CA ASN A 289 -0.41 -21.96 9.94
C ASN A 289 -0.80 -20.85 8.92
N PRO A 290 -0.04 -20.77 7.79
CA PRO A 290 -0.24 -19.62 6.85
C PRO A 290 -1.48 -19.62 5.95
N GLN A 291 -2.05 -20.82 5.73
CA GLN A 291 -3.21 -21.02 4.87
C GLN A 291 -4.50 -20.61 5.52
N ASP A 292 -5.40 -20.00 4.74
CA ASP A 292 -6.73 -19.59 5.16
C ASP A 292 -7.59 -20.83 5.46
N SER A 293 -7.23 -22.01 4.87
CA SER A 293 -7.93 -23.28 5.07
C SER A 293 -7.68 -23.85 6.47
N GLN A 294 -6.65 -23.32 7.17
CA GLN A 294 -6.28 -23.70 8.54
C GLN A 294 -7.05 -22.85 9.56
N TRP A 295 -7.91 -21.92 9.07
CA TRP A 295 -8.66 -21.01 9.92
C TRP A 295 -10.12 -20.92 9.58
N ASP A 296 -10.65 -21.92 8.89
CA ASP A 296 -12.07 -21.94 8.51
C ASP A 296 -12.98 -21.73 9.75
N ARG A 297 -14.06 -20.92 9.58
CA ARG A 297 -15.01 -20.52 10.63
C ARG A 297 -15.67 -21.69 11.33
N LYS A 298 -15.81 -22.83 10.65
CA LYS A 298 -16.38 -24.05 11.26
C LYS A 298 -15.42 -24.70 12.29
N ASP A 299 -14.12 -24.27 12.32
CA ASP A 299 -13.08 -24.82 13.21
C ASP A 299 -12.72 -23.88 14.37
N LEU A 300 -13.60 -22.95 14.76
CA LEU A 300 -13.33 -21.97 15.83
C LEU A 300 -12.80 -22.60 17.13
N GLY A 301 -13.43 -23.67 17.58
CA GLY A 301 -13.04 -24.38 18.79
C GLY A 301 -11.67 -25.01 18.70
N LEU A 302 -11.38 -25.65 17.55
CA LEU A 302 -10.13 -26.32 17.22
C LEU A 302 -8.99 -25.31 17.13
N CYS A 303 -9.19 -24.22 16.33
CA CYS A 303 -8.28 -23.09 16.09
C CYS A 303 -7.87 -22.36 17.39
N PHE A 304 -8.88 -22.01 18.24
CA PHE A 304 -8.69 -21.34 19.52
C PHE A 304 -7.91 -22.20 20.51
N ASP A 305 -8.26 -23.51 20.61
CA ASP A 305 -7.59 -24.46 21.51
C ASP A 305 -6.11 -24.53 21.15
N ASN A 306 -5.82 -24.49 19.86
CA ASN A 306 -4.48 -24.52 19.31
C ASN A 306 -3.72 -23.25 19.69
N CYS A 307 -4.40 -22.09 19.70
CA CYS A 307 -3.86 -20.78 20.11
C CYS A 307 -3.50 -20.80 21.61
N VAL A 308 -4.42 -21.39 22.42
CA VAL A 308 -4.28 -21.54 23.86
C VAL A 308 -3.08 -22.45 24.18
N THR A 309 -2.95 -23.56 23.43
CA THR A 309 -1.88 -24.55 23.54
C THR A 309 -0.49 -23.92 23.27
N TYR A 310 -0.39 -23.13 22.20
CA TYR A 310 0.87 -22.46 21.84
C TYR A 310 1.28 -21.50 22.93
N PHE A 311 0.34 -20.65 23.38
CA PHE A 311 0.62 -19.67 24.43
C PHE A 311 1.11 -20.38 25.68
N LEU A 312 0.47 -21.54 26.03
CA LEU A 312 0.85 -22.37 27.18
C LEU A 312 2.26 -22.96 27.05
N GLN A 313 2.66 -23.39 25.82
CA GLN A 313 3.97 -23.97 25.53
C GLN A 313 5.03 -22.92 25.72
N CYS A 314 4.70 -21.65 25.42
CA CYS A 314 5.57 -20.50 25.61
C CYS A 314 5.80 -20.24 27.10
N LEU A 315 4.72 -20.31 27.92
CA LEU A 315 4.85 -20.11 29.37
C LEU A 315 5.71 -21.21 29.99
N ARG A 316 5.45 -22.49 29.65
CA ARG A 316 6.22 -23.64 30.19
C ARG A 316 7.70 -23.63 29.80
N THR A 317 8.01 -23.33 28.53
CA THR A 317 9.40 -23.36 28.05
C THR A 317 10.17 -22.09 28.35
N GLU A 318 9.45 -21.03 28.79
CA GLU A 318 9.93 -19.68 29.10
C GLU A 318 10.56 -19.05 27.85
N LYS A 319 9.86 -19.19 26.73
CA LYS A 319 10.30 -18.67 25.44
C LYS A 319 9.13 -18.13 24.64
N LEU A 320 9.16 -16.81 24.39
CA LEU A 320 8.24 -16.06 23.55
C LEU A 320 9.09 -15.02 22.84
N GLU A 321 9.52 -15.32 21.60
CA GLU A 321 10.31 -14.44 20.74
C GLU A 321 9.49 -13.23 20.35
N ASN A 322 10.10 -12.06 20.39
CA ASN A 322 9.45 -10.85 19.92
C ASN A 322 9.18 -11.05 18.39
N TYR A 323 7.99 -10.64 17.95
CA TYR A 323 7.63 -10.83 16.55
C TYR A 323 8.46 -9.99 15.56
N PHE A 324 9.03 -8.87 16.06
CA PHE A 324 9.80 -7.90 15.28
C PHE A 324 11.31 -7.96 15.52
N ILE A 325 11.75 -8.26 16.76
CA ILE A 325 13.16 -8.37 17.19
C ILE A 325 13.36 -9.84 17.70
N PRO A 326 13.69 -10.80 16.80
CA PRO A 326 13.76 -12.22 17.22
C PRO A 326 14.66 -12.59 18.43
N GLU A 327 15.78 -11.89 18.64
CA GLU A 327 16.69 -12.21 19.76
C GLU A 327 16.14 -11.77 21.13
N PHE A 328 15.00 -11.03 21.14
CA PHE A 328 14.32 -10.57 22.34
C PHE A 328 13.26 -11.59 22.79
N ASN A 329 13.41 -12.14 24.00
CA ASN A 329 12.48 -13.07 24.63
C ASN A 329 11.62 -12.37 25.71
N LEU A 330 10.32 -12.27 25.41
CA LEU A 330 9.25 -11.67 26.23
C LEU A 330 9.05 -12.40 27.57
N PHE A 331 9.31 -13.71 27.57
CA PHE A 331 9.12 -14.62 28.69
C PHE A 331 10.40 -15.08 29.38
N SER A 332 11.54 -14.39 29.18
CA SER A 332 12.77 -14.77 29.87
C SER A 332 12.60 -14.57 31.39
N SER A 333 13.38 -15.33 32.21
CA SER A 333 13.39 -15.26 33.67
C SER A 333 13.80 -13.89 34.19
N ASN A 334 14.61 -13.15 33.40
CA ASN A 334 15.07 -11.79 33.74
C ASN A 334 14.00 -10.70 33.51
N LEU A 335 12.77 -11.09 33.13
CA LEU A 335 11.62 -10.20 32.88
C LEU A 335 10.39 -10.66 33.66
N ILE A 336 10.03 -11.95 33.56
CA ILE A 336 8.92 -12.55 34.30
C ILE A 336 9.45 -13.80 35.02
N ASP A 337 9.24 -13.90 36.34
CA ASP A 337 9.67 -15.06 37.13
C ASP A 337 8.85 -16.31 36.84
N LYS A 338 9.47 -17.51 36.99
CA LYS A 338 8.85 -18.84 36.73
C LYS A 338 7.52 -19.03 37.48
N ARG A 339 7.45 -18.59 38.75
CA ARG A 339 6.28 -18.69 39.64
C ARG A 339 5.01 -18.05 39.04
N SER A 340 5.16 -16.89 38.35
CA SER A 340 4.07 -16.11 37.71
C SER A 340 3.56 -16.80 36.44
N LYS A 341 4.47 -17.41 35.68
CA LYS A 341 4.15 -18.14 34.46
C LYS A 341 3.45 -19.46 34.82
N GLU A 342 3.92 -20.16 35.88
CA GLU A 342 3.32 -21.39 36.40
C GLU A 342 1.93 -21.12 36.99
N PHE A 343 1.68 -19.90 37.52
CA PHE A 343 0.38 -19.51 38.04
C PHE A 343 -0.56 -19.29 36.86
N LEU A 344 -0.12 -18.57 35.82
CA LEU A 344 -0.90 -18.34 34.60
C LEU A 344 -1.20 -19.64 33.85
N THR A 345 -0.24 -20.60 33.83
CA THR A 345 -0.38 -21.92 33.20
C THR A 345 -1.52 -22.70 33.87
N LYS A 346 -1.47 -22.78 35.22
CA LYS A 346 -2.45 -23.47 36.06
C LYS A 346 -3.90 -22.97 35.84
N GLN A 347 -4.07 -21.63 35.78
CA GLN A 347 -5.37 -20.97 35.60
C GLN A 347 -5.97 -21.23 34.23
N ILE A 348 -5.17 -21.10 33.14
CA ILE A 348 -5.57 -21.35 31.75
C ILE A 348 -5.91 -22.83 31.59
N GLU A 349 -5.09 -23.73 32.17
CA GLU A 349 -5.35 -25.17 32.07
C GLU A 349 -6.68 -25.55 32.69
N TYR A 350 -7.04 -24.92 33.82
CA TYR A 350 -8.30 -25.16 34.51
C TYR A 350 -9.48 -24.67 33.68
N GLU A 351 -9.36 -23.48 33.09
CA GLU A 351 -10.38 -22.86 32.26
C GLU A 351 -10.69 -23.73 31.06
N ARG A 352 -9.63 -24.15 30.33
CA ARG A 352 -9.76 -25.01 29.15
C ARG A 352 -10.42 -26.35 29.48
N ASN A 353 -10.05 -26.94 30.63
CA ASN A 353 -10.61 -28.21 31.07
C ASN A 353 -12.08 -28.12 31.53
N ASN A 354 -12.56 -26.90 31.83
CA ASN A 354 -13.90 -26.63 32.33
C ASN A 354 -14.74 -25.73 31.37
N GLU A 355 -14.32 -25.69 30.10
CA GLU A 355 -14.91 -24.93 29.00
C GLU A 355 -15.20 -23.47 29.38
N PHE A 356 -14.14 -22.83 29.87
CA PHE A 356 -13.95 -21.41 30.14
C PHE A 356 -15.03 -20.75 31.01
N PRO A 357 -15.09 -21.09 32.31
CA PRO A 357 -16.08 -20.44 33.19
C PRO A 357 -15.87 -18.92 33.34
N VAL A 358 -14.59 -18.43 33.33
CA VAL A 358 -14.24 -17.02 33.50
C VAL A 358 -14.97 -16.12 32.47
N PHE A 359 -15.32 -16.67 31.31
CA PHE A 359 -16.03 -15.97 30.23
C PHE A 359 -17.44 -15.63 30.66
N ASP A 360 -18.08 -16.56 31.43
CA ASP A 360 -19.46 -16.59 31.94
C ASP A 360 -20.50 -16.16 30.89
N GLY B 1 0.69 -27.41 -28.37
CA GLY B 1 1.59 -26.44 -28.99
C GLY B 1 2.26 -25.47 -28.04
N ALA B 2 1.95 -25.56 -26.72
CA ALA B 2 2.51 -24.72 -25.64
C ALA B 2 4.06 -24.75 -25.54
N SER B 3 4.68 -25.70 -26.27
CA SER B 3 6.14 -25.87 -26.35
C SER B 3 6.72 -24.77 -27.27
N LYS B 4 5.88 -24.20 -28.19
CA LYS B 4 6.23 -23.10 -29.10
C LYS B 4 6.05 -21.81 -28.35
N LEU B 5 4.98 -21.69 -27.56
CA LEU B 5 4.71 -20.53 -26.74
C LEU B 5 5.85 -20.37 -25.72
N ARG B 6 6.26 -21.47 -25.09
CA ARG B 6 7.36 -21.46 -24.13
C ARG B 6 8.73 -21.20 -24.81
N ALA B 7 8.84 -21.48 -26.14
CA ALA B 7 10.04 -21.18 -26.90
C ALA B 7 10.13 -19.65 -27.20
N VAL B 8 8.98 -18.99 -27.43
CA VAL B 8 8.90 -17.54 -27.73
C VAL B 8 9.16 -16.71 -26.46
N LEU B 9 8.72 -17.21 -25.28
CA LEU B 9 8.92 -16.52 -24.01
C LEU B 9 10.41 -16.52 -23.66
N GLU B 10 11.09 -17.66 -23.94
CA GLU B 10 12.54 -17.93 -23.81
C GLU B 10 13.33 -16.89 -24.67
N LYS B 11 12.95 -16.79 -25.97
CA LYS B 11 13.48 -15.89 -27.00
C LYS B 11 13.42 -14.43 -26.51
N LEU B 12 12.22 -13.99 -26.12
CA LEU B 12 11.92 -12.64 -25.63
C LEU B 12 12.67 -12.25 -24.34
N LYS B 13 13.12 -13.25 -23.56
CA LYS B 13 13.87 -13.05 -22.32
C LYS B 13 15.36 -12.76 -22.57
N LEU B 14 15.94 -13.39 -23.60
CA LEU B 14 17.35 -13.26 -24.01
C LEU B 14 17.77 -11.85 -24.44
N SER B 15 16.81 -10.99 -24.85
CA SER B 15 17.07 -9.60 -25.27
C SER B 15 16.77 -8.59 -24.17
N ARG B 16 15.97 -9.00 -23.16
CA ARG B 16 15.54 -8.20 -22.02
C ARG B 16 16.72 -7.92 -21.04
N ASP B 17 17.12 -8.96 -20.27
CA ASP B 17 18.14 -8.93 -19.20
C ASP B 17 19.62 -8.79 -19.68
N ASP B 18 19.88 -8.73 -21.00
CA ASP B 18 21.23 -8.62 -21.56
C ASP B 18 21.94 -7.28 -21.18
N ILE B 19 23.30 -7.31 -21.11
CA ILE B 19 24.17 -6.17 -20.75
C ILE B 19 24.07 -5.06 -21.83
N SER B 20 23.49 -3.91 -21.43
CA SER B 20 23.25 -2.77 -22.34
C SER B 20 23.53 -1.43 -21.69
N THR B 21 24.39 -0.64 -22.34
CA THR B 21 24.81 0.71 -21.91
C THR B 21 23.72 1.76 -22.24
N ALA B 22 22.66 1.35 -22.96
CA ALA B 22 21.54 2.21 -23.38
C ALA B 22 20.67 2.68 -22.22
N ALA B 23 20.33 1.76 -21.28
CA ALA B 23 19.51 2.03 -20.09
C ALA B 23 20.10 3.10 -19.15
N GLY B 24 21.42 3.31 -19.24
CA GLY B 24 22.15 4.33 -18.49
C GLY B 24 22.30 5.62 -19.26
N MET B 25 22.37 5.53 -20.60
CA MET B 25 22.45 6.67 -21.50
C MET B 25 21.10 7.41 -21.51
N VAL B 26 19.99 6.64 -21.39
CA VAL B 26 18.62 7.15 -21.33
C VAL B 26 18.43 7.91 -20.01
N LYS B 27 18.80 7.29 -18.86
CA LYS B 27 18.74 7.88 -17.51
C LYS B 27 19.52 9.20 -17.41
N GLY B 28 20.71 9.25 -18.01
CA GLY B 28 21.56 10.43 -18.04
C GLY B 28 20.96 11.59 -18.82
N VAL B 29 20.26 11.27 -19.92
CA VAL B 29 19.62 12.27 -20.77
C VAL B 29 18.35 12.80 -20.08
N VAL B 30 17.54 11.89 -19.48
CA VAL B 30 16.31 12.18 -18.72
C VAL B 30 16.61 13.17 -17.56
N ASP B 31 17.62 12.84 -16.72
CA ASP B 31 18.05 13.63 -15.56
C ASP B 31 18.48 15.04 -15.97
N HIS B 32 19.10 15.19 -17.16
CA HIS B 32 19.53 16.47 -17.72
C HIS B 32 18.29 17.34 -18.00
N LEU B 33 17.29 16.76 -18.72
CA LEU B 33 16.03 17.39 -19.09
C LEU B 33 15.25 17.81 -17.85
N LEU B 34 15.11 16.90 -16.87
CA LEU B 34 14.40 17.09 -15.61
C LEU B 34 15.00 18.22 -14.73
N LEU B 35 16.34 18.43 -14.79
CA LEU B 35 17.01 19.47 -14.02
C LEU B 35 16.76 20.86 -14.60
N ARG B 36 16.82 20.98 -15.94
CA ARG B 36 16.57 22.23 -16.66
C ARG B 36 15.10 22.65 -16.53
N LEU B 37 14.16 21.70 -16.64
CA LEU B 37 12.71 21.91 -16.51
C LEU B 37 12.32 22.52 -15.16
N LYS B 38 13.03 22.12 -14.08
CA LYS B 38 12.81 22.58 -12.70
C LYS B 38 13.21 24.04 -12.48
N CYS B 39 13.97 24.64 -13.42
CA CYS B 39 14.39 26.03 -13.39
C CYS B 39 13.20 26.94 -13.68
N ASP B 40 12.23 26.48 -14.52
CA ASP B 40 11.02 27.20 -14.90
C ASP B 40 9.94 27.09 -13.82
N SER B 41 9.36 28.26 -13.41
CA SER B 41 8.33 28.35 -12.36
C SER B 41 7.08 27.49 -12.64
N ALA B 42 6.72 27.32 -13.93
CA ALA B 42 5.58 26.53 -14.37
C ALA B 42 5.83 25.03 -14.17
N PHE B 43 7.01 24.55 -14.63
CA PHE B 43 7.44 23.15 -14.54
C PHE B 43 8.34 22.91 -13.33
N ARG B 44 8.19 23.70 -12.25
CA ARG B 44 8.99 23.57 -11.03
C ARG B 44 8.78 22.23 -10.29
N GLY B 45 7.53 21.75 -10.21
CA GLY B 45 7.21 20.50 -9.52
C GLY B 45 7.11 19.28 -10.42
N VAL B 46 8.07 19.12 -11.34
CA VAL B 46 8.11 18.03 -12.33
C VAL B 46 9.04 16.89 -11.85
N GLY B 47 8.83 15.69 -12.40
CA GLY B 47 9.60 14.49 -12.08
C GLY B 47 8.98 13.25 -12.69
N LEU B 48 9.73 12.11 -12.72
CA LEU B 48 9.25 10.84 -13.30
C LEU B 48 8.13 10.18 -12.51
N LEU B 49 7.13 9.61 -13.21
CA LEU B 49 5.95 8.92 -12.64
C LEU B 49 6.35 7.79 -11.68
N ASN B 50 7.32 6.94 -12.08
CA ASN B 50 7.84 5.82 -11.31
C ASN B 50 9.40 5.97 -11.26
N THR B 51 9.92 6.74 -10.26
CA THR B 51 11.36 7.04 -10.09
C THR B 51 12.14 5.80 -9.66
N GLY B 52 13.25 5.56 -10.34
CA GLY B 52 14.10 4.38 -10.18
C GLY B 52 13.93 3.50 -11.40
N SER B 53 12.78 3.69 -12.11
CA SER B 53 12.39 2.98 -13.32
C SER B 53 12.09 3.94 -14.49
N TYR B 54 13.12 4.15 -15.32
CA TYR B 54 13.13 4.93 -16.57
C TYR B 54 12.83 3.89 -17.66
N TYR B 55 13.49 2.73 -17.54
CA TYR B 55 13.38 1.56 -18.41
C TYR B 55 11.95 0.96 -18.42
N GLU B 56 11.07 1.55 -19.27
CA GLU B 56 9.69 1.14 -19.51
C GLU B 56 9.45 1.08 -21.03
N HIS B 57 8.84 -0.03 -21.52
CA HIS B 57 8.59 -0.27 -22.95
C HIS B 57 7.15 -0.61 -23.27
N VAL B 58 6.60 0.05 -24.31
CA VAL B 58 5.27 -0.25 -24.82
C VAL B 58 5.46 -1.49 -25.74
N LYS B 59 6.57 -1.48 -26.53
CA LYS B 59 6.98 -2.50 -27.49
C LYS B 59 7.87 -3.59 -26.84
N ILE B 60 7.40 -4.86 -26.88
CA ILE B 60 8.08 -6.04 -26.35
C ILE B 60 9.05 -6.66 -27.40
N SER B 61 8.86 -6.30 -28.70
CA SER B 61 9.72 -6.77 -29.79
C SER B 61 10.80 -5.72 -30.15
N ALA B 62 10.71 -4.51 -29.56
CA ALA B 62 11.67 -3.41 -29.78
C ALA B 62 12.31 -2.95 -28.46
N PRO B 63 13.37 -3.65 -28.00
CA PRO B 63 14.02 -3.26 -26.73
C PRO B 63 14.68 -1.86 -26.68
N ASN B 64 15.22 -1.37 -27.83
CA ASN B 64 15.87 -0.06 -27.96
C ASN B 64 14.91 1.10 -27.77
N GLU B 65 13.59 0.84 -27.78
CA GLU B 65 12.53 1.83 -27.64
C GLU B 65 12.00 1.95 -26.22
N PHE B 66 12.28 3.09 -25.58
CA PHE B 66 11.88 3.43 -24.23
C PHE B 66 10.70 4.43 -24.21
N ASP B 67 9.95 4.46 -23.10
CA ASP B 67 8.78 5.32 -22.89
C ASP B 67 8.67 5.80 -21.43
N VAL B 68 8.88 7.13 -21.21
CA VAL B 68 8.83 7.77 -19.87
C VAL B 68 7.75 8.84 -19.78
N MET B 69 7.29 9.09 -18.56
CA MET B 69 6.29 10.11 -18.27
C MET B 69 6.80 11.09 -17.23
N PHE B 70 6.62 12.38 -17.50
CA PHE B 70 7.04 13.46 -16.61
C PHE B 70 5.80 14.06 -15.95
N LYS B 71 5.58 13.73 -14.67
CA LYS B 71 4.42 14.21 -13.91
C LYS B 71 4.62 15.58 -13.28
N LEU B 72 3.55 16.39 -13.25
CA LEU B 72 3.52 17.70 -12.61
C LEU B 72 2.19 17.86 -11.86
N GLU B 73 2.26 18.14 -10.52
CA GLU B 73 1.10 18.33 -9.63
C GLU B 73 0.34 19.61 -9.91
N VAL B 74 -0.96 19.49 -10.16
CA VAL B 74 -1.83 20.63 -10.44
C VAL B 74 -2.86 20.78 -9.30
N PRO B 75 -2.54 21.53 -8.21
CA PRO B 75 -3.51 21.69 -7.12
C PRO B 75 -4.62 22.68 -7.50
N ARG B 76 -5.74 22.67 -6.75
CA ARG B 76 -6.90 23.56 -6.95
C ARG B 76 -7.59 23.29 -8.33
N ILE B 77 -7.41 22.07 -8.86
CA ILE B 77 -7.93 21.60 -10.16
C ILE B 77 -9.47 21.38 -10.14
N GLN B 78 -10.13 21.69 -11.27
CA GLN B 78 -11.58 21.57 -11.50
C GLN B 78 -11.81 21.14 -12.96
N LEU B 79 -12.39 19.93 -13.17
CA LEU B 79 -12.64 19.40 -14.50
C LEU B 79 -14.04 19.66 -15.06
N GLU B 80 -14.16 19.70 -16.41
CA GLU B 80 -15.42 19.86 -17.14
C GLU B 80 -15.45 18.88 -18.32
N GLU B 81 -16.34 17.85 -18.22
CA GLU B 81 -16.50 16.76 -19.21
C GLU B 81 -16.86 17.24 -20.61
N TYR B 82 -15.87 17.19 -21.54
CA TYR B 82 -16.04 17.60 -22.93
C TYR B 82 -17.00 16.68 -23.70
N SER B 83 -17.99 17.29 -24.37
CA SER B 83 -19.06 16.75 -25.24
C SER B 83 -19.40 15.26 -24.99
N ASN B 84 -19.79 14.94 -23.73
CA ASN B 84 -20.21 13.63 -23.21
C ASN B 84 -19.32 12.46 -23.67
N THR B 85 -17.99 12.68 -23.67
CA THR B 85 -16.99 11.68 -24.07
C THR B 85 -16.66 10.70 -22.95
N ARG B 86 -16.89 11.12 -21.70
CA ARG B 86 -16.60 10.39 -20.47
C ARG B 86 -15.10 10.39 -20.11
N ALA B 87 -14.21 10.48 -21.12
CA ALA B 87 -12.76 10.40 -20.94
C ALA B 87 -11.98 11.68 -21.18
N TYR B 88 -12.56 12.63 -21.91
CA TYR B 88 -11.89 13.88 -22.23
C TYR B 88 -12.51 15.04 -21.47
N TYR B 89 -11.66 15.94 -20.97
CA TYR B 89 -12.05 17.08 -20.13
C TYR B 89 -11.22 18.35 -20.43
N PHE B 90 -11.77 19.52 -20.06
CA PHE B 90 -11.07 20.80 -20.14
C PHE B 90 -10.56 21.04 -18.73
N VAL B 91 -9.40 21.71 -18.55
CA VAL B 91 -8.82 21.93 -17.21
C VAL B 91 -9.01 23.36 -16.72
N LYS B 92 -9.75 23.51 -15.61
CA LYS B 92 -10.04 24.80 -14.96
C LYS B 92 -9.46 24.83 -13.54
N PHE B 93 -9.24 26.03 -13.01
CA PHE B 93 -8.64 26.23 -11.69
C PHE B 93 -9.63 26.79 -10.65
N LYS B 94 -9.13 27.31 -9.50
CA LYS B 94 -9.92 27.89 -8.39
C LYS B 94 -9.19 29.11 -7.80
N GLU B 99 -3.74 33.90 -10.11
CA GLU B 99 -2.30 33.73 -9.95
C GLU B 99 -2.02 32.29 -9.54
N ASN B 100 -1.32 31.58 -10.41
CA ASN B 100 -0.95 30.17 -10.33
C ASN B 100 0.32 30.00 -11.22
N PRO B 101 1.25 29.02 -10.99
CA PRO B 101 2.46 28.92 -11.85
C PRO B 101 2.20 28.77 -13.36
N LEU B 102 1.08 28.13 -13.72
CA LEU B 102 0.67 27.91 -15.10
C LEU B 102 -0.31 28.98 -15.60
N SER B 103 -0.45 30.12 -14.87
CA SER B 103 -1.32 31.24 -15.28
C SER B 103 -0.92 31.77 -16.67
N GLN B 104 0.36 31.52 -17.06
CA GLN B 104 0.96 31.87 -18.35
C GLN B 104 0.41 31.03 -19.50
N PHE B 105 -0.34 29.92 -19.19
CA PHE B 105 -0.93 28.97 -20.13
C PHE B 105 -2.46 28.98 -20.23
N LEU B 106 -3.15 29.91 -19.52
CA LEU B 106 -4.62 30.01 -19.54
C LEU B 106 -5.19 30.75 -20.78
N GLU B 107 -6.34 30.27 -21.30
CA GLU B 107 -7.10 30.84 -22.41
C GLU B 107 -8.58 30.77 -22.00
N GLY B 108 -9.09 31.91 -21.55
CA GLY B 108 -10.45 32.01 -21.02
C GLY B 108 -10.43 31.44 -19.61
N GLU B 109 -11.20 30.39 -19.37
CA GLU B 109 -11.19 29.71 -18.08
C GLU B 109 -10.42 28.38 -18.21
N ILE B 110 -10.09 28.01 -19.47
CA ILE B 110 -9.48 26.74 -19.88
C ILE B 110 -7.95 26.84 -20.13
N LEU B 111 -7.22 25.88 -19.54
CA LEU B 111 -5.76 25.70 -19.62
C LEU B 111 -5.34 25.17 -20.99
N SER B 112 -4.57 25.99 -21.74
CA SER B 112 -4.09 25.66 -23.08
C SER B 112 -3.09 24.50 -23.04
N ALA B 113 -3.51 23.34 -23.59
CA ALA B 113 -2.67 22.16 -23.69
C ALA B 113 -1.59 22.39 -24.75
N SER B 114 -1.90 23.16 -25.80
CA SER B 114 -0.98 23.49 -26.88
C SER B 114 0.16 24.38 -26.37
N LYS B 115 -0.17 25.54 -25.72
CA LYS B 115 0.83 26.49 -25.22
C LYS B 115 1.71 25.91 -24.10
N MET B 116 1.18 24.92 -23.34
CA MET B 116 1.90 24.21 -22.28
C MET B 116 2.90 23.23 -22.93
N LEU B 117 2.46 22.47 -23.97
CA LEU B 117 3.30 21.55 -24.75
C LEU B 117 4.38 22.36 -25.48
N SER B 118 4.03 23.58 -25.92
CA SER B 118 4.89 24.53 -26.61
C SER B 118 6.11 24.90 -25.78
N LYS B 119 5.90 25.39 -24.54
CA LYS B 119 7.01 25.77 -23.64
C LYS B 119 7.83 24.52 -23.32
N PHE B 120 7.14 23.37 -23.15
CA PHE B 120 7.69 22.06 -22.81
C PHE B 120 8.66 21.56 -23.87
N ARG B 121 8.25 21.60 -25.16
CA ARG B 121 9.08 21.18 -26.29
C ARG B 121 10.28 22.11 -26.44
N LYS B 122 10.01 23.43 -26.36
CA LYS B 122 10.97 24.55 -26.48
C LYS B 122 12.18 24.34 -25.58
N ILE B 123 11.93 24.10 -24.27
CA ILE B 123 12.97 23.90 -23.26
C ILE B 123 13.82 22.67 -23.59
N ILE B 124 13.16 21.52 -23.88
CA ILE B 124 13.80 20.24 -24.24
C ILE B 124 14.73 20.40 -25.45
N LYS B 125 14.23 20.98 -26.58
CA LYS B 125 15.01 21.19 -27.81
C LYS B 125 16.27 22.04 -27.61
N GLU B 126 16.28 22.88 -26.54
CA GLU B 126 17.40 23.75 -26.10
C GLU B 126 18.38 22.96 -25.21
N GLU B 127 17.85 22.03 -24.39
CA GLU B 127 18.63 21.17 -23.50
C GLU B 127 19.39 20.09 -24.29
N ILE B 128 18.89 19.74 -25.49
CA ILE B 128 19.52 18.78 -26.40
C ILE B 128 20.80 19.38 -27.02
N ASN B 129 20.76 20.67 -27.40
CA ASN B 129 21.90 21.41 -27.99
C ASN B 129 23.05 21.58 -26.97
N ASP B 130 22.73 21.54 -25.66
CA ASP B 130 23.67 21.66 -24.54
C ASP B 130 24.29 20.28 -24.16
N ILE B 131 24.15 19.28 -25.08
CA ILE B 131 24.70 17.92 -24.97
C ILE B 131 25.61 17.66 -26.20
N LYS B 132 26.91 18.01 -26.06
CA LYS B 132 27.92 17.81 -27.10
C LYS B 132 28.62 16.45 -26.91
N ASP B 133 28.16 15.67 -25.89
CA ASP B 133 28.63 14.33 -25.52
C ASP B 133 28.04 13.36 -26.55
N THR B 134 26.72 13.10 -26.45
CA THR B 134 25.96 12.24 -27.35
C THR B 134 25.12 13.07 -28.33
N ASP B 135 24.83 12.50 -29.52
CA ASP B 135 24.04 13.15 -30.56
C ASP B 135 22.54 12.84 -30.38
N VAL B 136 21.86 13.72 -29.63
CA VAL B 136 20.43 13.62 -29.38
C VAL B 136 19.74 14.51 -30.39
N ILE B 137 18.66 14.03 -31.01
CA ILE B 137 17.89 14.76 -32.01
C ILE B 137 16.43 14.78 -31.55
N MET B 138 15.71 15.90 -31.75
CA MET B 138 14.30 15.99 -31.37
C MET B 138 13.39 15.82 -32.58
N LYS B 139 12.60 14.73 -32.58
CA LYS B 139 11.61 14.43 -33.63
C LYS B 139 10.32 15.10 -33.20
N ARG B 140 9.70 15.89 -34.09
CA ARG B 140 8.44 16.57 -33.78
C ARG B 140 7.27 15.99 -34.59
N LYS B 141 6.20 15.57 -33.87
CA LYS B 141 5.00 14.95 -34.48
C LYS B 141 3.69 15.35 -33.78
N ARG B 142 2.56 15.28 -34.53
CA ARG B 142 1.20 15.59 -34.09
C ARG B 142 0.52 14.36 -33.47
N GLY B 143 -0.16 14.59 -32.34
CA GLY B 143 -0.89 13.55 -31.61
C GLY B 143 -1.16 13.86 -30.14
N GLY B 144 -0.63 14.98 -29.66
CA GLY B 144 -0.75 15.41 -28.27
C GLY B 144 0.24 14.71 -27.36
N SER B 145 0.05 13.40 -27.16
CA SER B 145 0.90 12.54 -26.33
C SER B 145 1.16 11.17 -27.01
N PRO B 146 2.43 10.66 -27.14
CA PRO B 146 3.71 11.22 -26.65
C PRO B 146 4.10 12.59 -27.23
N ALA B 147 4.30 13.55 -26.31
CA ALA B 147 4.67 14.95 -26.52
C ALA B 147 5.89 15.13 -27.42
N VAL B 148 6.98 14.42 -27.11
CA VAL B 148 8.21 14.49 -27.88
C VAL B 148 8.98 13.14 -27.84
N THR B 149 9.76 12.88 -28.90
CA THR B 149 10.58 11.68 -29.06
C THR B 149 12.03 12.09 -29.31
N LEU B 150 12.98 11.42 -28.64
CA LEU B 150 14.41 11.72 -28.79
C LEU B 150 15.21 10.49 -29.25
N LEU B 151 16.28 10.70 -30.06
CA LEU B 151 17.15 9.60 -30.46
C LEU B 151 18.58 9.79 -29.95
N ILE B 152 19.01 8.90 -29.05
CA ILE B 152 20.36 8.86 -28.49
C ILE B 152 21.10 7.83 -29.34
N SER B 153 22.34 8.16 -29.80
CA SER B 153 23.17 7.30 -30.67
C SER B 153 22.40 6.91 -31.97
N GLU B 154 22.09 5.61 -32.14
CA GLU B 154 21.36 5.12 -33.30
C GLU B 154 20.36 4.07 -32.83
N LYS B 155 19.13 4.14 -33.37
CA LYS B 155 17.98 3.24 -33.10
C LYS B 155 17.46 3.27 -31.63
N ILE B 156 18.16 3.96 -30.67
CA ILE B 156 17.73 4.10 -29.26
C ILE B 156 16.83 5.37 -29.17
N SER B 157 15.50 5.17 -29.05
CA SER B 157 14.47 6.22 -29.03
C SER B 157 13.69 6.29 -27.72
N VAL B 158 13.56 7.50 -27.13
CA VAL B 158 12.83 7.74 -25.87
C VAL B 158 11.59 8.61 -26.14
N ASP B 159 10.40 8.14 -25.73
CA ASP B 159 9.16 8.89 -25.85
C ASP B 159 8.84 9.50 -24.50
N ILE B 160 8.79 10.86 -24.44
CA ILE B 160 8.48 11.61 -23.21
C ILE B 160 7.06 12.19 -23.31
N THR B 161 6.22 11.89 -22.30
CA THR B 161 4.83 12.35 -22.15
C THR B 161 4.70 13.31 -20.92
N LEU B 162 3.98 14.45 -21.07
CA LEU B 162 3.74 15.34 -19.95
C LEU B 162 2.35 15.03 -19.33
N ALA B 163 2.29 14.75 -18.01
CA ALA B 163 1.05 14.41 -17.30
C ALA B 163 0.77 15.25 -16.07
N LEU B 164 -0.47 15.78 -15.96
CA LEU B 164 -0.92 16.56 -14.81
C LEU B 164 -1.41 15.61 -13.75
N GLU B 165 -0.97 15.82 -12.51
CA GLU B 165 -1.30 14.97 -11.37
C GLU B 165 -2.33 15.64 -10.50
N SER B 166 -3.35 14.90 -10.07
CA SER B 166 -4.36 15.44 -9.18
C SER B 166 -4.57 14.50 -8.04
N LYS B 167 -4.14 14.95 -6.86
CA LYS B 167 -4.27 14.23 -5.61
C LYS B 167 -5.67 14.53 -5.05
N SER B 168 -6.70 14.05 -5.76
CA SER B 168 -8.13 14.21 -5.41
C SER B 168 -8.95 13.03 -5.99
N SER B 169 -10.20 12.86 -5.52
CA SER B 169 -11.09 11.77 -5.92
C SER B 169 -11.33 11.69 -7.42
N TRP B 170 -11.03 10.52 -8.02
CA TRP B 170 -11.17 10.24 -9.45
C TRP B 170 -12.53 10.69 -10.03
N PRO B 171 -12.60 11.16 -11.31
CA PRO B 171 -13.90 11.60 -11.88
C PRO B 171 -15.06 10.60 -11.82
N ALA B 172 -16.31 11.11 -11.83
CA ALA B 172 -17.58 10.37 -11.77
C ALA B 172 -17.75 9.30 -12.86
N SER B 173 -16.93 9.37 -13.93
CA SER B 173 -16.92 8.43 -15.05
C SER B 173 -16.31 7.08 -14.66
N THR B 174 -15.44 7.09 -13.64
CA THR B 174 -14.71 5.94 -13.12
C THR B 174 -15.44 5.19 -11.99
N GLN B 175 -16.62 5.70 -11.55
CA GLN B 175 -17.41 5.13 -10.46
C GLN B 175 -17.64 3.62 -10.52
N GLU B 176 -18.00 3.10 -11.69
CA GLU B 176 -18.24 1.67 -11.88
C GLU B 176 -17.08 0.92 -12.58
N GLY B 177 -15.94 1.61 -12.76
CA GLY B 177 -14.75 1.06 -13.40
C GLY B 177 -13.83 0.31 -12.49
N LEU B 178 -12.78 -0.31 -13.05
CA LEU B 178 -11.79 -1.07 -12.30
C LEU B 178 -12.48 -2.15 -11.39
N ARG B 179 -13.29 -3.02 -12.02
CA ARG B 179 -14.04 -4.08 -11.33
C ARG B 179 -13.12 -5.25 -10.94
N ILE B 180 -12.17 -4.96 -10.04
CA ILE B 180 -11.18 -5.91 -9.52
C ILE B 180 -11.64 -6.62 -8.22
N GLN B 181 -12.80 -6.22 -7.64
CA GLN B 181 -13.37 -6.71 -6.36
C GLN B 181 -13.36 -8.23 -6.17
N ASN B 182 -13.79 -9.00 -7.17
CA ASN B 182 -13.85 -10.46 -6.99
C ASN B 182 -12.52 -11.15 -7.31
N TRP B 183 -11.51 -10.36 -7.76
CA TRP B 183 -10.19 -10.86 -8.09
C TRP B 183 -9.08 -10.36 -7.15
N LEU B 184 -8.76 -9.05 -7.20
CA LEU B 184 -7.69 -8.43 -6.37
C LEU B 184 -8.20 -7.97 -5.00
N SER B 185 -9.54 -7.84 -4.82
CA SER B 185 -10.31 -7.48 -3.62
C SER B 185 -10.89 -6.07 -3.60
N ALA B 186 -11.88 -5.86 -2.70
CA ALA B 186 -12.54 -4.59 -2.44
C ALA B 186 -11.59 -3.63 -1.71
N LYS B 187 -10.79 -4.15 -0.72
CA LYS B 187 -9.77 -3.41 0.03
C LYS B 187 -8.78 -2.73 -0.93
N VAL B 188 -8.30 -3.48 -1.95
CA VAL B 188 -7.36 -3.04 -2.98
C VAL B 188 -8.01 -2.02 -3.92
N ARG B 189 -9.29 -2.23 -4.31
CA ARG B 189 -10.01 -1.27 -5.16
C ARG B 189 -10.13 0.09 -4.46
N LYS B 190 -10.40 0.09 -3.12
CA LYS B 190 -10.50 1.26 -2.23
C LYS B 190 -9.18 2.01 -2.17
N GLN B 191 -8.05 1.27 -2.00
CA GLN B 191 -6.69 1.79 -1.90
C GLN B 191 -6.25 2.47 -3.19
N LEU B 192 -6.32 1.75 -4.33
CA LEU B 192 -5.91 2.26 -5.65
C LEU B 192 -6.63 3.53 -6.05
N ARG B 193 -7.93 3.61 -5.76
CA ARG B 193 -8.79 4.76 -6.06
C ARG B 193 -8.49 5.98 -5.16
N LEU B 194 -7.73 5.77 -4.05
CA LEU B 194 -7.26 6.78 -3.10
C LEU B 194 -5.93 7.37 -3.60
N LYS B 195 -5.35 6.83 -4.69
CA LYS B 195 -4.11 7.30 -5.30
C LYS B 195 -4.47 8.44 -6.29
N PRO B 196 -3.51 9.28 -6.77
CA PRO B 196 -3.89 10.35 -7.71
C PRO B 196 -4.26 9.85 -9.10
N PHE B 197 -4.84 10.73 -9.93
CA PHE B 197 -5.16 10.43 -11.32
C PHE B 197 -4.32 11.32 -12.20
N TYR B 198 -3.97 10.87 -13.41
CA TYR B 198 -3.11 11.66 -14.31
C TYR B 198 -3.86 12.06 -15.57
N LEU B 199 -3.56 13.24 -16.14
CA LEU B 199 -4.20 13.77 -17.36
C LEU B 199 -3.12 14.12 -18.39
N VAL B 200 -3.23 13.55 -19.60
CA VAL B 200 -2.28 13.80 -20.70
C VAL B 200 -2.95 14.64 -21.82
N PRO B 201 -2.21 15.55 -22.52
CA PRO B 201 -2.84 16.30 -23.64
C PRO B 201 -3.28 15.33 -24.74
N LYS B 202 -4.56 15.37 -25.15
CA LYS B 202 -5.17 14.51 -26.19
C LYS B 202 -6.52 15.09 -26.62
N HIS B 203 -6.77 15.17 -27.95
CA HIS B 203 -8.05 15.67 -28.46
C HIS B 203 -8.77 14.62 -29.31
N ALA B 204 -10.00 14.92 -29.76
CA ALA B 204 -10.77 13.97 -30.60
C ALA B 204 -11.36 14.58 -31.88
N LYS B 205 -11.21 13.83 -32.99
CA LYS B 205 -11.65 14.18 -34.33
C LYS B 205 -12.99 13.51 -34.67
N GLN B 211 -8.54 19.39 -31.70
CA GLN B 211 -9.19 20.62 -32.16
C GLN B 211 -9.32 21.61 -31.01
N GLU B 212 -9.74 21.10 -29.83
CA GLU B 212 -9.89 21.88 -28.61
C GLU B 212 -8.62 21.68 -27.76
N GLU B 213 -8.57 22.30 -26.56
CA GLU B 213 -7.44 22.19 -25.64
C GLU B 213 -7.83 21.25 -24.49
N THR B 214 -8.16 19.98 -24.88
CA THR B 214 -8.60 18.91 -23.99
C THR B 214 -7.47 18.02 -23.50
N TRP B 215 -7.72 17.37 -22.34
CA TRP B 215 -6.86 16.45 -21.61
C TRP B 215 -7.64 15.10 -21.38
N ARG B 216 -6.95 13.95 -21.47
CA ARG B 216 -7.54 12.60 -21.30
C ARG B 216 -7.05 11.94 -19.99
N LEU B 217 -7.88 11.07 -19.35
CA LEU B 217 -7.47 10.36 -18.14
C LEU B 217 -6.36 9.32 -18.44
N SER B 218 -5.37 9.24 -17.54
CA SER B 218 -4.22 8.34 -17.64
C SER B 218 -4.11 7.44 -16.39
N PHE B 219 -4.14 6.11 -16.60
CA PHE B 219 -4.10 5.11 -15.53
C PHE B 219 -2.89 4.15 -15.61
N SER B 220 -1.76 4.65 -16.19
CA SER B 220 -0.50 3.94 -16.35
C SER B 220 0.07 3.42 -15.03
N HIS B 221 -0.06 4.21 -13.95
CA HIS B 221 0.44 3.85 -12.62
C HIS B 221 -0.33 2.70 -12.00
N ILE B 222 -1.66 2.64 -12.27
CA ILE B 222 -2.56 1.59 -11.79
C ILE B 222 -2.33 0.27 -12.53
N GLU B 223 -2.07 0.36 -13.85
CA GLU B 223 -1.77 -0.77 -14.74
C GLU B 223 -0.56 -1.56 -14.21
N LYS B 224 0.57 -0.85 -13.94
CA LYS B 224 1.82 -1.38 -13.40
C LYS B 224 1.59 -1.99 -12.01
N GLU B 225 0.74 -1.35 -11.18
CA GLU B 225 0.36 -1.77 -9.83
C GLU B 225 -0.34 -3.12 -9.89
N ILE B 226 -1.34 -3.26 -10.78
CA ILE B 226 -2.10 -4.51 -10.99
C ILE B 226 -1.21 -5.63 -11.55
N LEU B 227 -0.34 -5.30 -12.51
CA LEU B 227 0.56 -6.28 -13.14
C LEU B 227 1.64 -6.85 -12.23
N ASN B 228 2.12 -6.06 -11.28
CA ASN B 228 3.17 -6.45 -10.34
C ASN B 228 2.63 -7.11 -9.08
N ASN B 229 1.28 -7.17 -8.91
CA ASN B 229 0.58 -7.83 -7.79
C ASN B 229 -0.75 -8.30 -8.38
N HIS B 230 -0.67 -9.33 -9.25
CA HIS B 230 -1.71 -9.86 -10.12
C HIS B 230 -2.57 -11.05 -9.62
N GLY B 231 -2.18 -11.73 -8.54
CA GLY B 231 -2.92 -12.89 -8.05
C GLY B 231 -3.98 -12.62 -7.00
N LYS B 232 -4.85 -13.63 -6.72
CA LYS B 232 -5.85 -13.52 -5.66
C LYS B 232 -5.07 -13.76 -4.35
N SER B 233 -4.07 -14.64 -4.43
CA SER B 233 -3.13 -14.98 -3.37
C SER B 233 -2.06 -13.92 -3.33
N LYS B 234 -1.67 -13.52 -2.12
CA LYS B 234 -0.61 -12.54 -1.94
C LYS B 234 0.77 -13.16 -2.34
N THR B 235 0.93 -14.51 -2.16
CA THR B 235 2.15 -15.27 -2.46
C THR B 235 2.19 -15.88 -3.90
N CYS B 236 1.20 -15.52 -4.76
CA CYS B 236 1.17 -15.99 -6.15
C CYS B 236 2.50 -15.62 -6.81
N CYS B 237 3.23 -16.66 -7.26
CA CYS B 237 4.52 -16.65 -8.00
C CYS B 237 5.76 -16.51 -7.08
N GLU B 238 5.55 -16.60 -5.76
CA GLU B 238 6.65 -16.53 -4.78
C GLU B 238 7.11 -17.95 -4.41
N ASN B 239 6.39 -18.98 -4.93
CA ASN B 239 6.66 -20.41 -4.72
C ASN B 239 6.26 -21.25 -5.96
N LYS B 240 6.80 -22.50 -6.09
CA LYS B 240 6.57 -23.37 -7.27
C LYS B 240 5.17 -24.05 -7.26
N GLU B 241 4.49 -23.99 -6.10
CA GLU B 241 3.15 -24.52 -5.89
C GLU B 241 2.11 -23.47 -6.39
N GLU B 242 2.53 -22.18 -6.45
CA GLU B 242 1.69 -21.05 -6.83
C GLU B 242 2.07 -20.32 -8.14
N LYS B 243 2.93 -20.91 -8.98
CA LYS B 243 3.31 -20.28 -10.27
C LYS B 243 2.17 -20.27 -11.27
N CYS B 244 1.73 -19.05 -11.70
CA CYS B 244 0.67 -18.85 -12.71
C CYS B 244 1.23 -18.38 -14.07
N CYS B 245 0.35 -18.13 -15.08
CA CYS B 245 0.78 -17.70 -16.42
C CYS B 245 0.13 -16.40 -16.89
N ARG B 246 -0.47 -15.62 -15.96
CA ARG B 246 -1.09 -14.32 -16.27
C ARG B 246 -0.15 -13.43 -17.11
N LYS B 247 1.05 -13.06 -16.59
CA LYS B 247 2.02 -12.16 -17.25
C LYS B 247 2.52 -12.64 -18.63
N ASP B 248 2.87 -13.94 -18.77
CA ASP B 248 3.32 -14.61 -20.01
C ASP B 248 2.24 -14.51 -21.09
N CYS B 249 0.93 -14.65 -20.67
CA CYS B 249 -0.26 -14.51 -21.53
C CYS B 249 -0.37 -13.09 -22.07
N LEU B 250 -0.17 -12.08 -21.20
CA LEU B 250 -0.17 -10.68 -21.63
C LEU B 250 0.97 -10.40 -22.63
N LYS B 251 2.19 -10.85 -22.31
CA LYS B 251 3.44 -10.75 -23.10
C LYS B 251 3.22 -11.25 -24.53
N LEU B 252 2.57 -12.45 -24.67
CA LEU B 252 2.27 -13.14 -25.92
C LEU B 252 1.24 -12.44 -26.78
N MET B 253 0.20 -11.87 -26.18
CA MET B 253 -0.83 -11.08 -26.88
C MET B 253 -0.22 -9.75 -27.41
N LYS B 254 0.69 -9.16 -26.61
CA LYS B 254 1.39 -7.94 -26.97
C LYS B 254 2.32 -8.22 -28.15
N TYR B 255 3.04 -9.37 -28.11
CA TYR B 255 3.99 -9.78 -29.16
C TYR B 255 3.28 -10.14 -30.49
N LEU B 256 2.13 -10.83 -30.42
CA LEU B 256 1.31 -11.18 -31.59
C LEU B 256 0.87 -9.89 -32.32
N LEU B 257 0.27 -8.91 -31.60
CA LEU B 257 -0.18 -7.66 -32.22
C LEU B 257 0.98 -6.83 -32.76
N GLU B 258 2.13 -6.80 -32.06
CA GLU B 258 3.30 -6.06 -32.53
C GLU B 258 3.88 -6.68 -33.83
N GLN B 259 3.91 -8.03 -33.91
CA GLN B 259 4.38 -8.79 -35.09
C GLN B 259 3.47 -8.62 -36.32
N LEU B 260 2.12 -8.70 -36.13
CA LEU B 260 1.13 -8.50 -37.19
C LEU B 260 1.17 -7.05 -37.71
N LYS B 261 1.39 -6.08 -36.78
CA LYS B 261 1.51 -4.64 -37.12
C LYS B 261 2.74 -4.36 -38.00
N GLU B 262 3.87 -5.04 -37.75
CA GLU B 262 5.10 -4.94 -38.53
C GLU B 262 4.89 -5.61 -39.90
N ARG B 263 4.23 -6.78 -39.92
CA ARG B 263 3.93 -7.56 -41.11
C ARG B 263 3.15 -6.74 -42.15
N PHE B 264 2.13 -6.00 -41.69
CA PHE B 264 1.25 -5.17 -42.50
C PHE B 264 1.41 -3.65 -42.23
N LYS B 265 2.68 -3.20 -42.10
CA LYS B 265 3.02 -1.78 -41.89
C LYS B 265 2.69 -0.95 -43.13
N ASP B 266 2.79 -1.61 -44.32
CA ASP B 266 2.54 -1.11 -45.67
C ASP B 266 1.08 -0.73 -45.87
N LYS B 267 0.14 -1.59 -45.41
CA LYS B 267 -1.30 -1.32 -45.41
C LYS B 267 -1.59 -0.32 -44.24
N LYS B 268 -2.86 0.04 -44.00
CA LYS B 268 -3.16 0.98 -42.92
C LYS B 268 -4.18 0.43 -41.90
N HIS B 269 -4.67 -0.80 -42.13
CA HIS B 269 -5.69 -1.51 -41.35
C HIS B 269 -5.40 -1.67 -39.84
N LEU B 270 -4.12 -1.79 -39.44
CA LEU B 270 -3.79 -2.06 -38.03
C LEU B 270 -3.16 -0.90 -37.26
N ASP B 271 -3.01 0.26 -37.91
CA ASP B 271 -2.42 1.47 -37.32
C ASP B 271 -3.19 1.91 -36.07
N LYS B 272 -4.54 1.72 -36.09
CA LYS B 272 -5.47 2.12 -35.04
C LYS B 272 -5.44 1.25 -33.79
N PHE B 273 -4.75 0.10 -33.86
CA PHE B 273 -4.66 -0.83 -32.72
C PHE B 273 -3.35 -0.66 -32.01
N SER B 274 -3.36 -0.75 -30.68
CA SER B 274 -2.17 -0.62 -29.84
C SER B 274 -2.20 -1.59 -28.67
N SER B 275 -1.09 -1.65 -27.89
CA SER B 275 -0.93 -2.51 -26.71
C SER B 275 -2.01 -2.24 -25.65
N TYR B 276 -2.62 -1.06 -25.70
CA TYR B 276 -3.65 -0.62 -24.77
C TYR B 276 -4.95 -1.36 -24.99
N HIS B 277 -5.27 -1.69 -26.25
CA HIS B 277 -6.46 -2.49 -26.57
C HIS B 277 -6.23 -3.88 -26.02
N VAL B 278 -5.04 -4.43 -26.22
CA VAL B 278 -4.58 -5.73 -25.70
C VAL B 278 -4.64 -5.81 -24.15
N LYS B 279 -4.07 -4.82 -23.43
CA LYS B 279 -4.05 -4.78 -21.95
C LYS B 279 -5.46 -4.64 -21.37
N THR B 280 -6.32 -3.80 -21.99
CA THR B 280 -7.72 -3.59 -21.58
C THR B 280 -8.47 -4.91 -21.67
N ALA B 281 -8.32 -5.63 -22.81
CA ALA B 281 -8.95 -6.93 -23.06
C ALA B 281 -8.48 -7.98 -22.06
N PHE B 282 -7.16 -8.07 -21.79
CA PHE B 282 -6.54 -8.99 -20.83
C PHE B 282 -7.10 -8.83 -19.38
N PHE B 283 -7.26 -7.57 -18.93
CA PHE B 283 -7.81 -7.25 -17.60
C PHE B 283 -9.27 -7.69 -17.49
N HIS B 284 -10.05 -7.67 -18.60
CA HIS B 284 -11.45 -8.16 -18.58
C HIS B 284 -11.46 -9.66 -18.38
N VAL B 285 -10.47 -10.37 -18.95
CA VAL B 285 -10.29 -11.82 -18.83
C VAL B 285 -9.91 -12.17 -17.39
N CYS B 286 -8.98 -11.41 -16.80
CA CYS B 286 -8.54 -11.59 -15.40
C CYS B 286 -9.72 -11.47 -14.43
N THR B 287 -10.62 -10.53 -14.69
CA THR B 287 -11.84 -10.28 -13.92
C THR B 287 -12.81 -11.47 -14.01
N GLN B 288 -13.05 -11.97 -15.25
CA GLN B 288 -13.91 -13.10 -15.59
C GLN B 288 -13.40 -14.40 -14.97
N ASN B 289 -12.06 -14.54 -14.83
CA ASN B 289 -11.40 -15.73 -14.30
C ASN B 289 -10.53 -15.28 -13.10
N PRO B 290 -11.16 -15.02 -11.92
CA PRO B 290 -10.43 -14.40 -10.79
C PRO B 290 -9.46 -15.29 -10.00
N GLN B 291 -9.67 -16.62 -10.06
CA GLN B 291 -8.90 -17.60 -9.32
C GLN B 291 -7.56 -17.87 -9.97
N ASP B 292 -6.53 -18.06 -9.12
CA ASP B 292 -5.18 -18.39 -9.54
C ASP B 292 -5.14 -19.81 -10.14
N SER B 293 -6.15 -20.66 -9.80
CA SER B 293 -6.29 -22.03 -10.29
C SER B 293 -6.75 -22.05 -11.77
N GLN B 294 -7.21 -20.89 -12.28
CA GLN B 294 -7.65 -20.71 -13.66
C GLN B 294 -6.48 -20.25 -14.54
N TRP B 295 -5.28 -20.08 -13.92
CA TRP B 295 -4.09 -19.60 -14.62
C TRP B 295 -2.86 -20.46 -14.37
N ASP B 296 -3.05 -21.71 -13.93
CA ASP B 296 -1.95 -22.62 -13.66
C ASP B 296 -1.01 -22.72 -14.85
N ARG B 297 0.30 -22.66 -14.56
CA ARG B 297 1.38 -22.70 -15.55
C ARG B 297 1.25 -23.82 -16.56
N LYS B 298 0.76 -25.02 -16.16
CA LYS B 298 0.56 -26.18 -17.05
C LYS B 298 -0.53 -25.95 -18.14
N ASP B 299 -1.32 -24.85 -18.00
CA ASP B 299 -2.42 -24.48 -18.90
C ASP B 299 -2.10 -23.30 -19.79
N LEU B 300 -0.80 -22.98 -20.03
CA LEU B 300 -0.38 -21.82 -20.85
C LEU B 300 -1.12 -21.75 -22.18
N GLY B 301 -1.12 -22.86 -22.94
CA GLY B 301 -1.77 -22.95 -24.25
C GLY B 301 -3.27 -22.69 -24.20
N LEU B 302 -3.94 -23.29 -23.20
CA LEU B 302 -5.37 -23.17 -22.94
C LEU B 302 -5.74 -21.76 -22.56
N CYS B 303 -5.02 -21.15 -21.58
CA CYS B 303 -5.15 -19.79 -21.05
C CYS B 303 -4.99 -18.72 -22.13
N PHE B 304 -3.92 -18.82 -22.95
CA PHE B 304 -3.61 -17.91 -24.05
C PHE B 304 -4.68 -17.97 -25.16
N ASP B 305 -5.12 -19.19 -25.54
CA ASP B 305 -6.17 -19.38 -26.55
C ASP B 305 -7.45 -18.68 -26.14
N ASN B 306 -7.74 -18.75 -24.83
CA ASN B 306 -8.89 -18.13 -24.23
C ASN B 306 -8.78 -16.60 -24.29
N CYS B 307 -7.55 -16.06 -24.11
CA CYS B 307 -7.23 -14.62 -24.20
C CYS B 307 -7.44 -14.14 -25.65
N VAL B 308 -6.98 -14.95 -26.62
CA VAL B 308 -7.08 -14.71 -28.06
C VAL B 308 -8.56 -14.68 -28.46
N THR B 309 -9.33 -15.65 -27.95
CA THR B 309 -10.78 -15.82 -28.19
C THR B 309 -11.57 -14.59 -27.71
N TYR B 310 -11.29 -14.12 -26.49
CA TYR B 310 -11.97 -12.95 -25.94
C TYR B 310 -11.70 -11.72 -26.78
N PHE B 311 -10.41 -11.46 -27.10
CA PHE B 311 -10.03 -10.32 -27.90
C PHE B 311 -10.75 -10.36 -29.25
N LEU B 312 -10.87 -11.57 -29.85
CA LEU B 312 -11.56 -11.80 -31.13
C LEU B 312 -13.07 -11.51 -31.04
N GLN B 313 -13.71 -11.87 -29.88
CA GLN B 313 -15.13 -11.66 -29.64
C GLN B 313 -15.41 -10.18 -29.56
N CYS B 314 -14.44 -9.41 -29.02
CA CYS B 314 -14.50 -7.96 -28.93
C CYS B 314 -14.43 -7.33 -30.32
N LEU B 315 -13.54 -7.83 -31.21
CA LEU B 315 -13.42 -7.31 -32.58
C LEU B 315 -14.72 -7.56 -33.34
N ARG B 316 -15.27 -8.81 -33.29
CA ARG B 316 -16.51 -9.17 -34.00
C ARG B 316 -17.74 -8.42 -33.52
N THR B 317 -17.91 -8.25 -32.21
CA THR B 317 -19.11 -7.59 -31.66
C THR B 317 -18.99 -6.06 -31.63
N GLU B 318 -17.75 -5.54 -31.90
CA GLU B 318 -17.36 -4.12 -31.90
C GLU B 318 -17.61 -3.52 -30.52
N LYS B 319 -17.19 -4.25 -29.50
CA LYS B 319 -17.35 -3.84 -28.11
C LYS B 319 -16.13 -4.23 -27.29
N LEU B 320 -15.43 -3.23 -26.79
CA LEU B 320 -14.31 -3.33 -25.85
C LEU B 320 -14.46 -2.15 -24.89
N GLU B 321 -15.08 -2.41 -23.72
CA GLU B 321 -15.28 -1.45 -22.65
C GLU B 321 -13.94 -1.04 -22.07
N ASN B 322 -13.79 0.27 -21.81
CA ASN B 322 -12.59 0.76 -21.15
C ASN B 322 -12.57 0.14 -19.73
N TYR B 323 -11.40 -0.30 -19.28
CA TYR B 323 -11.30 -0.95 -17.99
C TYR B 323 -11.58 -0.01 -16.79
N PHE B 324 -11.39 1.31 -16.99
CA PHE B 324 -11.52 2.37 -15.99
C PHE B 324 -12.77 3.23 -16.13
N ILE B 325 -13.21 3.50 -17.38
CA ILE B 325 -14.42 4.28 -17.74
C ILE B 325 -15.37 3.33 -18.52
N PRO B 326 -16.24 2.56 -17.82
CA PRO B 326 -17.08 1.56 -18.52
C PRO B 326 -17.94 2.01 -19.72
N GLU B 327 -18.47 3.25 -19.71
CA GLU B 327 -19.32 3.73 -20.81
C GLU B 327 -18.53 4.04 -22.09
N PHE B 328 -17.18 4.01 -22.03
CA PHE B 328 -16.28 4.24 -23.15
C PHE B 328 -15.94 2.91 -23.87
N ASN B 329 -16.30 2.83 -25.16
CA ASN B 329 -16.03 1.69 -26.02
C ASN B 329 -14.86 1.99 -26.99
N LEU B 330 -13.74 1.27 -26.76
CA LEU B 330 -12.47 1.31 -27.50
C LEU B 330 -12.63 0.89 -28.97
N PHE B 331 -13.59 -0.02 -29.23
CA PHE B 331 -13.86 -0.62 -30.51
C PHE B 331 -15.14 -0.13 -31.21
N SER B 332 -15.69 1.03 -30.79
CA SER B 332 -16.87 1.55 -31.48
C SER B 332 -16.54 1.93 -32.93
N SER B 333 -17.56 1.92 -33.83
CA SER B 333 -17.43 2.27 -35.25
C SER B 333 -16.96 3.72 -35.46
N ASN B 334 -17.26 4.60 -34.48
CA ASN B 334 -16.87 6.01 -34.49
C ASN B 334 -15.37 6.23 -34.13
N LEU B 335 -14.61 5.14 -33.90
CA LEU B 335 -13.17 5.17 -33.56
C LEU B 335 -12.36 4.25 -34.49
N ILE B 336 -12.81 3.00 -34.67
CA ILE B 336 -12.18 2.04 -35.59
C ILE B 336 -13.27 1.49 -36.52
N ASP B 337 -13.06 1.55 -37.85
CA ASP B 337 -14.02 1.04 -38.83
C ASP B 337 -14.08 -0.49 -38.86
N LYS B 338 -15.26 -1.07 -39.20
CA LYS B 338 -15.51 -2.52 -39.27
C LYS B 338 -14.48 -3.28 -40.12
N ARG B 339 -14.09 -2.71 -41.28
CA ARG B 339 -13.13 -3.26 -42.23
C ARG B 339 -11.76 -3.60 -41.60
N SER B 340 -11.27 -2.74 -40.69
CA SER B 340 -9.99 -2.86 -39.96
C SER B 340 -10.03 -3.94 -38.89
N LYS B 341 -11.17 -4.08 -38.22
CA LYS B 341 -11.40 -5.09 -37.20
C LYS B 341 -11.56 -6.47 -37.85
N GLU B 342 -12.26 -6.54 -39.01
CA GLU B 342 -12.43 -7.77 -39.81
C GLU B 342 -11.10 -8.21 -40.42
N PHE B 343 -10.18 -7.28 -40.70
CA PHE B 343 -8.85 -7.60 -41.21
C PHE B 343 -8.03 -8.20 -40.07
N LEU B 344 -8.06 -7.58 -38.87
CA LEU B 344 -7.36 -8.07 -37.69
C LEU B 344 -7.91 -9.44 -37.24
N THR B 345 -9.24 -9.67 -37.35
CA THR B 345 -9.91 -10.92 -37.01
C THR B 345 -9.37 -12.05 -37.89
N LYS B 346 -9.38 -11.82 -39.23
CA LYS B 346 -8.91 -12.76 -40.24
C LYS B 346 -7.46 -13.23 -40.02
N GLN B 347 -6.55 -12.27 -39.72
CA GLN B 347 -5.13 -12.51 -39.48
C GLN B 347 -4.88 -13.33 -38.23
N ILE B 348 -5.52 -12.99 -37.09
CA ILE B 348 -5.42 -13.68 -35.80
C ILE B 348 -5.98 -15.09 -35.95
N GLU B 349 -7.14 -15.24 -36.65
CA GLU B 349 -7.74 -16.57 -36.86
C GLU B 349 -6.84 -17.49 -37.63
N TYR B 350 -6.11 -16.97 -38.64
CA TYR B 350 -5.16 -17.73 -39.46
C TYR B 350 -3.97 -18.16 -38.61
N GLU B 351 -3.38 -17.22 -37.83
CA GLU B 351 -2.25 -17.45 -36.93
C GLU B 351 -2.57 -18.57 -35.94
N ARG B 352 -3.74 -18.51 -35.27
CA ARG B 352 -4.19 -19.52 -34.29
C ARG B 352 -4.39 -20.89 -34.93
N ASN B 353 -4.95 -20.92 -36.15
CA ASN B 353 -5.19 -22.16 -36.87
C ASN B 353 -3.90 -22.81 -37.41
N ASN B 354 -2.83 -22.01 -37.58
CA ASN B 354 -1.56 -22.49 -38.15
C ASN B 354 -0.40 -22.51 -37.13
N GLU B 355 -0.77 -22.51 -35.85
CA GLU B 355 0.04 -22.53 -34.63
C GLU B 355 1.09 -21.43 -34.60
N PHE B 356 0.60 -20.20 -34.74
CA PHE B 356 1.26 -18.89 -34.66
C PHE B 356 2.59 -18.77 -35.44
N PRO B 357 2.57 -18.86 -36.79
CA PRO B 357 3.83 -18.69 -37.54
C PRO B 357 4.45 -17.28 -37.45
N VAL B 358 3.65 -16.24 -37.13
CA VAL B 358 4.12 -14.86 -37.01
C VAL B 358 5.24 -14.73 -35.95
N PHE B 359 5.19 -15.60 -34.90
CA PHE B 359 6.17 -15.62 -33.81
C PHE B 359 7.52 -16.02 -34.35
N ASP B 360 7.54 -17.15 -35.16
CA ASP B 360 8.61 -17.80 -35.93
C ASP B 360 8.29 -19.29 -36.14
ZN ZN C . -10.20 -13.85 7.24
C11 YQQ D . 8.27 -4.76 24.11
C13 YQQ D . 9.12 -4.36 21.79
C15 YQQ D . 10.63 -5.11 23.57
C16 YQQ D . 9.58 -5.13 24.52
C17 YQQ D . 8.93 -3.98 20.33
C19 YQQ D . 6.63 -4.91 19.82
C20 YQQ D . 5.20 -4.68 19.55
C21 YQQ D . 4.66 -3.36 19.49
C23 YQQ D . 3.26 -3.16 19.21
C24 YQQ D . 2.43 -4.26 18.97
C25 YQQ D . 3.01 -5.54 19.03
C27 YQQ D . 4.35 -5.77 19.32
C12 YQQ D . 8.05 -4.37 22.75
C14 YQQ D . 10.41 -4.73 22.23
C2 YQQ D . 6.00 -4.17 25.10
C4 YQQ D . 4.21 -3.31 26.11
C5 YQQ D . 3.91 -2.90 24.85
C6 YQQ D . 3.43 -2.99 27.36
C7 YQQ D . 4.19 -1.87 28.10
N10 YQQ D . 7.20 -4.85 25.05
N18 YQQ D . 7.50 -3.83 20.04
N3 YQQ D . 5.40 -4.04 26.28
O22 YQQ D . 5.34 -2.24 19.61
O28 YQQ D . 7.03 -6.13 19.81
O8 YQQ D . 4.77 -1.95 29.19
O9 YQQ D . 4.22 -0.69 27.39
S1 YQQ D . 5.10 -3.41 23.74
BR26 YQQ D . 1.92 -7.12 18.69
ZN ZN E . 1.02 -15.26 -10.65
C11 YQQ F . -7.90 5.84 -24.06
C13 YQQ F . -8.53 6.16 -21.67
C15 YQQ F . -10.08 6.77 -23.44
C16 YQQ F . -9.16 6.36 -24.44
C17 YQQ F . -8.26 6.05 -20.17
C19 YQQ F . -6.92 3.90 -20.01
C20 YQQ F . -5.62 3.23 -19.79
C21 YQQ F . -4.43 3.97 -19.49
C23 YQQ F . -3.19 3.29 -19.26
C24 YQQ F . -3.15 1.90 -19.32
C25 YQQ F . -4.34 1.20 -19.60
C27 YQQ F . -5.55 1.83 -19.85
C12 YQQ F . -7.58 5.75 -22.66
C14 YQQ F . -9.77 6.67 -22.07
C2 YQQ F . -5.62 5.25 -25.04
C4 YQQ F . -3.60 5.14 -25.98
C5 YQQ F . -3.21 5.02 -24.67
C6 YQQ F . -2.70 5.21 -27.18
C7 YQQ F . -2.60 6.68 -27.59
N10 YQQ F . -7.00 5.36 -25.06
N18 YQQ F . -7.00 5.29 -19.95
N3 YQQ F . -4.98 5.27 -26.22
O22 YQQ F . -4.36 5.28 -19.33
O28 YQQ F . -7.93 3.17 -20.22
O8 YQQ F . -2.99 7.16 -28.66
O9 YQQ F . -2.03 7.52 -26.65
S1 YQQ F . -4.55 5.06 -23.61
BR26 YQQ F . -4.36 -0.76 -19.66
#